data_4PNQ
#
_entry.id   4PNQ
#
_cell.length_a   74.030
_cell.length_b   79.470
_cell.length_c   153.450
_cell.angle_alpha   90.000
_cell.angle_beta   90.000
_cell.angle_gamma   90.000
#
_symmetry.space_group_name_H-M   'P 21 21 21'
#
loop_
_entity.id
_entity.type
_entity.pdbx_description
1 polymer Tankyrase-2
2 non-polymer 'ZINC ION'
3 non-polymer 5-aminoisoquinolin-1(4H)-one
4 non-polymer 'ISOPROPYL ALCOHOL'
5 water water
#
_entity_poly.entity_id   1
_entity_poly.type   'polypeptide(L)'
_entity_poly.pdbx_seq_one_letter_code
;MGSSHHHHHHSSGRENLYFQGSPDDKEFQSVEEEMQSTVREHRDGGHAGGIFNRYNILKIQKVCNKKLWERYTHRRKEVS
EENHNHANERMLFHGSPFVNAIIHKGFDERHAYIGGMFGAGIYFAENSSKSNQYVYGIGGGTGCPVHKDRSCYICHRQLL
FCRVTLGKSFLQFSAMKMAHSPPGHHSVTGRPSVNGLALAEYVIYRGEQAYPEYLITYQIMRPEGMV
;
_entity_poly.pdbx_strand_id   A,B,C,D
#
loop_
_chem_comp.id
_chem_comp.type
_chem_comp.name
_chem_comp.formula
32X non-polymer 5-aminoisoquinolin-1(4H)-one 'C9 H8 N2 O'
IPA non-polymer 'ISOPROPYL ALCOHOL' 'C3 H8 O'
ZN non-polymer 'ZINC ION' 'Zn 2'
#
# COMPACT_ATOMS: atom_id res chain seq x y z
N PRO A 23 4.59 39.50 33.99
CA PRO A 23 4.23 39.14 32.60
C PRO A 23 3.73 37.69 32.46
N ASP A 24 4.58 36.70 32.83
CA ASP A 24 4.24 35.27 32.79
C ASP A 24 3.23 34.94 33.88
N ASP A 25 3.43 35.50 35.08
CA ASP A 25 2.57 35.35 36.25
C ASP A 25 1.14 35.85 36.03
N LYS A 26 0.97 37.01 35.34
CA LYS A 26 -0.34 37.63 35.03
C LYS A 26 -1.11 36.81 34.00
N GLU A 27 -0.39 36.33 32.98
CA GLU A 27 -0.93 35.50 31.89
C GLU A 27 -1.42 34.17 32.51
N PHE A 28 -0.67 33.63 33.47
CA PHE A 28 -0.99 32.40 34.18
C PHE A 28 -2.10 32.61 35.23
N GLN A 29 -2.17 33.81 35.88
CA GLN A 29 -3.23 34.13 36.83
C GLN A 29 -4.60 34.13 36.10
N SER A 30 -4.60 34.60 34.86
CA SER A 30 -5.78 34.65 33.99
C SER A 30 -6.27 33.21 33.69
N VAL A 31 -5.32 32.29 33.45
CA VAL A 31 -5.60 30.89 33.18
C VAL A 31 -6.14 30.25 34.47
N GLU A 32 -5.50 30.53 35.63
CA GLU A 32 -5.97 30.00 36.91
C GLU A 32 -7.40 30.50 37.18
N GLU A 33 -7.68 31.79 36.94
CA GLU A 33 -9.01 32.36 37.14
C GLU A 33 -10.07 31.68 36.26
N GLU A 34 -9.73 31.38 35.00
CA GLU A 34 -10.66 30.71 34.07
C GLU A 34 -10.94 29.27 34.55
N MET A 35 -9.89 28.62 35.00
CA MET A 35 -9.97 27.26 35.52
C MET A 35 -10.91 27.24 36.76
N GLN A 36 -10.69 28.15 37.73
CA GLN A 36 -11.48 28.22 38.96
C GLN A 36 -12.92 28.71 38.78
N SER A 37 -13.11 29.83 38.07
CA SER A 37 -14.41 30.47 37.90
C SER A 37 -15.43 29.69 37.05
N THR A 38 -14.97 28.73 36.23
CA THR A 38 -15.86 27.97 35.33
C THR A 38 -16.32 26.64 35.91
N VAL A 39 -15.93 26.33 37.16
CA VAL A 39 -16.38 25.10 37.84
C VAL A 39 -17.89 25.19 38.03
N ARG A 40 -18.61 24.09 37.79
CA ARG A 40 -20.04 24.00 37.99
C ARG A 40 -20.37 22.74 38.79
N GLU A 41 -21.57 22.68 39.37
CA GLU A 41 -22.03 21.49 40.08
C GLU A 41 -22.53 20.55 38.98
N HIS A 42 -22.04 19.30 38.96
CA HIS A 42 -22.45 18.37 37.93
C HIS A 42 -23.66 17.52 38.29
N ARG A 43 -24.51 17.23 37.29
CA ARG A 43 -25.76 16.43 37.44
C ARG A 43 -25.49 15.03 37.99
N ASP A 44 -24.32 14.43 37.70
CA ASP A 44 -23.93 13.09 38.16
C ASP A 44 -23.46 13.05 39.64
N GLY A 45 -23.58 14.18 40.35
CA GLY A 45 -23.18 14.33 41.74
C GLY A 45 -21.70 14.08 42.02
N GLY A 46 -20.88 14.23 40.99
CA GLY A 46 -19.44 14.04 41.08
C GLY A 46 -18.96 12.65 40.71
N HIS A 47 -19.85 11.77 40.19
CA HIS A 47 -19.51 10.41 39.81
C HIS A 47 -18.29 10.33 38.89
N ALA A 48 -18.31 11.06 37.76
CA ALA A 48 -17.24 11.03 36.77
C ALA A 48 -15.97 11.76 37.18
N GLY A 49 -16.11 13.00 37.64
CA GLY A 49 -14.97 13.86 37.93
C GLY A 49 -14.55 14.05 39.37
N GLY A 50 -15.40 13.61 40.31
CA GLY A 50 -15.11 13.78 41.73
C GLY A 50 -15.90 14.91 42.34
N ILE A 51 -15.85 15.02 43.66
CA ILE A 51 -16.58 16.04 44.43
C ILE A 51 -15.63 17.13 44.83
N PHE A 52 -15.92 18.36 44.38
CA PHE A 52 -15.08 19.54 44.63
C PHE A 52 -15.81 20.81 44.20
N ASN A 53 -15.36 21.95 44.73
CA ASN A 53 -15.89 23.26 44.33
C ASN A 53 -14.76 24.08 43.70
N ARG A 54 -13.50 23.70 43.99
CA ARG A 54 -12.33 24.39 43.48
C ARG A 54 -11.17 23.43 43.31
N TYR A 55 -10.09 23.92 42.69
CA TYR A 55 -8.87 23.13 42.51
C TYR A 55 -7.71 23.69 43.30
N ASN A 56 -6.67 22.87 43.44
CA ASN A 56 -5.38 23.30 43.88
C ASN A 56 -4.55 23.30 42.58
N ILE A 57 -4.30 24.48 41.99
CA ILE A 57 -3.51 24.61 40.75
C ILE A 57 -2.03 24.52 41.11
N LEU A 58 -1.37 23.48 40.60
CA LEU A 58 0.04 23.25 40.93
C LEU A 58 1.03 23.89 39.98
N LYS A 59 0.75 23.83 38.69
CA LYS A 59 1.65 24.33 37.66
C LYS A 59 0.84 24.67 36.42
N ILE A 60 1.24 25.73 35.72
CA ILE A 60 0.65 26.11 34.43
C ILE A 60 1.86 26.31 33.53
N GLN A 61 1.91 25.56 32.45
CA GLN A 61 3.01 25.62 31.50
C GLN A 61 2.47 26.03 30.16
N LYS A 62 3.15 26.95 29.49
CA LYS A 62 2.75 27.33 28.14
C LYS A 62 3.43 26.34 27.21
N VAL A 63 2.68 25.78 26.26
CA VAL A 63 3.20 24.81 25.31
C VAL A 63 3.66 25.60 24.10
N CYS A 64 4.93 25.39 23.72
CA CYS A 64 5.57 26.04 22.59
C CYS A 64 6.02 24.96 21.64
N ASN A 65 5.12 24.60 20.72
CA ASN A 65 5.38 23.59 19.72
C ASN A 65 5.18 24.29 18.38
N LYS A 66 6.29 24.76 17.78
CA LYS A 66 6.29 25.51 16.53
C LYS A 66 5.55 24.84 15.37
N LYS A 67 5.80 23.55 15.16
CA LYS A 67 5.14 22.77 14.10
C LYS A 67 3.61 22.74 14.30
N LEU A 68 3.14 22.51 15.55
CA LEU A 68 1.70 22.48 15.83
C LEU A 68 1.10 23.85 15.71
N TRP A 69 1.83 24.89 16.15
CA TRP A 69 1.35 26.26 16.08
C TRP A 69 1.13 26.68 14.61
N GLU A 70 2.03 26.31 13.73
CA GLU A 70 1.86 26.67 12.33
C GLU A 70 0.80 25.87 11.63
N ARG A 71 0.60 24.63 12.03
CA ARG A 71 -0.51 23.80 11.48
C ARG A 71 -1.82 24.47 11.90
N TYR A 72 -1.88 24.93 13.17
CA TYR A 72 -3.04 25.62 13.70
C TYR A 72 -3.31 26.95 13.01
N THR A 73 -2.31 27.84 12.92
CA THR A 73 -2.49 29.16 12.31
C THR A 73 -2.78 29.09 10.80
N HIS A 74 -2.22 28.08 10.12
CA HIS A 74 -2.52 27.89 8.70
C HIS A 74 -4.01 27.58 8.53
N ARG A 75 -4.53 26.66 9.33
CA ARG A 75 -5.93 26.26 9.26
C ARG A 75 -6.82 27.43 9.72
N ARG A 76 -6.39 28.18 10.77
CA ARG A 76 -7.16 29.31 11.30
C ARG A 76 -7.39 30.37 10.21
N LYS A 77 -6.36 30.64 9.41
CA LYS A 77 -6.42 31.62 8.31
C LYS A 77 -7.44 31.16 7.25
N GLU A 78 -7.38 29.86 6.90
CA GLU A 78 -8.27 29.21 5.92
C GLU A 78 -9.74 29.29 6.40
N VAL A 79 -10.00 28.99 7.69
CA VAL A 79 -11.34 29.05 8.27
C VAL A 79 -11.82 30.49 8.27
N SER A 80 -10.94 31.46 8.68
CA SER A 80 -11.28 32.90 8.71
C SER A 80 -11.79 33.34 7.34
N GLU A 81 -11.07 32.96 6.29
CA GLU A 81 -11.39 33.31 4.92
C GLU A 81 -12.74 32.73 4.47
N GLU A 82 -13.12 31.58 5.02
CA GLU A 82 -14.41 30.93 4.73
C GLU A 82 -15.49 31.40 5.72
N ASN A 83 -15.17 32.31 6.66
CA ASN A 83 -16.13 32.76 7.67
C ASN A 83 -16.18 34.28 7.85
N HIS A 84 -16.26 35.01 6.74
CA HIS A 84 -16.37 36.48 6.76
C HIS A 84 -15.17 37.12 7.53
N ASN A 85 -13.92 36.64 7.26
CA ASN A 85 -12.67 37.16 7.85
C ASN A 85 -12.66 37.02 9.40
N HIS A 86 -13.34 36.00 9.90
CA HIS A 86 -13.47 35.76 11.32
C HIS A 86 -13.23 34.30 11.65
N ALA A 87 -12.19 34.04 12.44
CA ALA A 87 -11.85 32.67 12.81
C ALA A 87 -12.82 32.07 13.86
N ASN A 88 -13.49 32.94 14.67
CA ASN A 88 -14.36 32.54 15.78
C ASN A 88 -13.53 31.65 16.75
N GLU A 89 -12.38 32.17 17.15
CA GLU A 89 -11.47 31.45 18.04
C GLU A 89 -11.91 31.62 19.50
N ARG A 90 -11.82 30.54 20.28
CA ARG A 90 -12.17 30.57 21.70
C ARG A 90 -11.14 29.80 22.49
N MET A 91 -10.93 30.20 23.75
CA MET A 91 -10.05 29.45 24.65
C MET A 91 -10.95 28.48 25.39
N LEU A 92 -10.73 27.18 25.22
CA LEU A 92 -11.57 26.14 25.81
C LEU A 92 -10.72 25.03 26.46
N PHE A 93 -11.35 24.30 27.39
CA PHE A 93 -10.69 23.21 28.09
C PHE A 93 -10.81 21.87 27.35
N HIS A 94 -9.81 21.02 27.52
CA HIS A 94 -9.86 19.65 27.00
C HIS A 94 -9.30 18.71 28.06
N GLY A 95 -10.08 17.70 28.43
CA GLY A 95 -9.63 16.68 29.37
C GLY A 95 -9.44 15.38 28.63
N SER A 96 -8.32 14.71 28.93
CA SER A 96 -7.94 13.47 28.28
C SER A 96 -6.84 12.74 29.01
N PRO A 97 -6.85 11.39 28.98
CA PRO A 97 -5.69 10.65 29.53
C PRO A 97 -4.44 10.78 28.62
N PHE A 98 -4.59 11.33 27.42
CA PHE A 98 -3.51 11.42 26.43
C PHE A 98 -2.96 12.81 26.20
N VAL A 99 -2.96 13.66 27.23
CA VAL A 99 -2.46 15.03 27.12
C VAL A 99 -0.99 15.12 26.64
N ASN A 100 -0.12 14.19 27.07
CA ASN A 100 1.28 14.18 26.67
C ASN A 100 1.44 13.91 25.17
N ALA A 101 0.64 13.00 24.61
CA ALA A 101 0.66 12.73 23.18
C ALA A 101 0.13 13.96 22.42
N ILE A 102 -0.90 14.65 22.98
CA ILE A 102 -1.49 15.83 22.34
C ILE A 102 -0.48 17.00 22.25
N ILE A 103 0.28 17.21 23.33
CA ILE A 103 1.26 18.31 23.34
C ILE A 103 2.39 18.09 22.38
N HIS A 104 2.73 16.82 22.10
CA HIS A 104 3.80 16.49 21.18
C HIS A 104 3.32 16.35 19.74
N LYS A 105 2.22 15.62 19.54
CA LYS A 105 1.70 15.32 18.19
C LYS A 105 0.50 16.14 17.75
N GLY A 106 -0.16 16.81 18.69
CA GLY A 106 -1.35 17.61 18.37
C GLY A 106 -2.62 16.82 18.47
N PHE A 107 -3.76 17.49 18.32
CA PHE A 107 -5.06 16.82 18.32
C PHE A 107 -5.18 16.03 17.04
N ASP A 108 -5.84 14.88 17.11
CA ASP A 108 -5.91 13.97 15.99
C ASP A 108 -7.29 13.40 15.87
N GLU A 109 -8.05 13.82 14.84
CA GLU A 109 -9.42 13.33 14.61
C GLU A 109 -9.44 11.82 14.32
N ARG A 110 -8.30 11.21 13.92
CA ARG A 110 -8.27 9.78 13.64
C ARG A 110 -8.49 8.95 14.94
N HIS A 111 -8.32 9.60 16.10
CA HIS A 111 -8.56 8.99 17.44
C HIS A 111 -9.97 9.21 17.96
N ALA A 112 -10.81 9.91 17.19
CA ALA A 112 -12.21 10.15 17.51
C ALA A 112 -13.10 9.13 16.78
N TYR A 113 -14.11 8.60 17.49
CA TYR A 113 -15.08 7.64 16.92
C TYR A 113 -16.52 8.11 17.04
N ILE A 114 -17.36 7.64 16.09
CA ILE A 114 -18.76 8.00 15.89
C ILE A 114 -19.70 7.98 17.12
N GLY A 115 -19.32 7.25 18.17
CA GLY A 115 -20.09 7.08 19.39
C GLY A 115 -20.50 8.30 20.19
N GLY A 116 -19.68 9.36 20.19
CA GLY A 116 -19.93 10.59 20.96
C GLY A 116 -21.26 11.27 20.63
N MET A 117 -21.77 12.16 21.51
CA MET A 117 -23.05 12.85 21.29
C MET A 117 -23.16 13.53 19.91
N PHE A 118 -22.05 14.14 19.47
CA PHE A 118 -21.98 14.81 18.17
C PHE A 118 -21.04 14.07 17.21
N GLY A 119 -20.92 12.76 17.42
CA GLY A 119 -20.13 11.91 16.55
C GLY A 119 -18.62 12.00 16.74
N ALA A 120 -17.91 11.67 15.67
CA ALA A 120 -16.45 11.53 15.62
C ALA A 120 -15.68 12.83 15.62
N GLY A 121 -15.83 13.57 16.68
CA GLY A 121 -15.13 14.83 16.83
C GLY A 121 -14.21 14.88 18.03
N ILE A 122 -13.59 16.03 18.22
CA ILE A 122 -12.69 16.36 19.33
C ILE A 122 -13.50 17.37 20.13
N TYR A 123 -13.73 17.06 21.40
CA TYR A 123 -14.64 17.78 22.28
C TYR A 123 -13.95 18.69 23.24
N PHE A 124 -14.52 19.90 23.40
CA PHE A 124 -13.99 20.91 24.32
C PHE A 124 -15.11 21.48 25.16
N ALA A 125 -14.76 22.03 26.30
CA ALA A 125 -15.75 22.64 27.20
C ALA A 125 -15.35 24.05 27.57
N GLU A 126 -16.33 24.90 27.86
CA GLU A 126 -16.02 26.23 28.41
C GLU A 126 -16.01 26.15 29.94
N ASN A 127 -16.39 25.00 30.53
CA ASN A 127 -16.38 24.77 31.99
C ASN A 127 -15.31 23.76 32.31
N SER A 128 -14.26 24.18 33.07
CA SER A 128 -13.12 23.31 33.40
C SER A 128 -13.57 21.99 34.05
N SER A 129 -14.59 22.06 34.93
CA SER A 129 -15.10 20.87 35.64
C SER A 129 -15.75 19.85 34.69
N LYS A 130 -16.25 20.30 33.53
CA LYS A 130 -16.80 19.35 32.54
C LYS A 130 -15.62 18.56 31.94
N SER A 131 -14.55 19.25 31.54
CA SER A 131 -13.36 18.62 30.96
C SER A 131 -12.65 17.71 32.00
N ASN A 132 -12.75 18.09 33.29
CA ASN A 132 -12.16 17.31 34.39
C ASN A 132 -12.79 15.90 34.44
N GLN A 133 -14.07 15.74 34.00
CA GLN A 133 -14.78 14.45 33.96
C GLN A 133 -14.15 13.45 32.95
N TYR A 134 -13.24 13.93 32.09
CA TYR A 134 -12.62 13.11 31.05
C TYR A 134 -11.16 12.83 31.21
N VAL A 135 -10.53 13.44 32.24
CA VAL A 135 -9.11 13.29 32.51
C VAL A 135 -8.68 11.83 32.67
N TYR A 136 -9.48 11.02 33.36
CA TYR A 136 -9.14 9.61 33.55
C TYR A 136 -9.86 8.63 32.61
N GLY A 137 -10.53 9.17 31.61
CA GLY A 137 -11.28 8.39 30.63
C GLY A 137 -12.73 8.82 30.51
N ILE A 138 -13.50 8.12 29.67
CA ILE A 138 -14.92 8.41 29.45
C ILE A 138 -15.65 8.11 30.76
N GLY A 139 -16.39 9.11 31.24
CA GLY A 139 -17.10 9.05 32.51
C GLY A 139 -16.16 8.92 33.70
N GLY A 140 -14.92 9.35 33.53
CA GLY A 140 -13.86 9.27 34.52
C GLY A 140 -13.11 7.96 34.60
N GLY A 141 -13.48 7.00 33.74
CA GLY A 141 -12.89 5.65 33.70
C GLY A 141 -12.93 5.01 35.07
N THR A 142 -11.80 4.43 35.51
CA THR A 142 -11.68 3.85 36.87
C THR A 142 -10.96 4.81 37.79
N GLY A 143 -10.80 6.07 37.35
CA GLY A 143 -10.14 7.08 38.16
C GLY A 143 -8.64 7.02 38.06
N CYS A 144 -7.96 7.59 39.07
CA CYS A 144 -6.49 7.66 39.08
C CYS A 144 -5.83 6.27 38.97
N PRO A 145 -4.67 6.13 38.28
CA PRO A 145 -4.01 4.81 38.20
C PRO A 145 -3.54 4.22 39.55
N VAL A 146 -3.19 5.06 40.54
CA VAL A 146 -2.68 4.62 41.83
C VAL A 146 -3.78 4.12 42.78
N HIS A 147 -4.87 4.90 42.96
CA HIS A 147 -5.92 4.55 43.91
C HIS A 147 -7.24 4.08 43.31
N LYS A 148 -7.38 4.11 41.96
CA LYS A 148 -8.61 3.75 41.25
C LYS A 148 -9.80 4.54 41.83
N ASP A 149 -9.58 5.86 42.04
CA ASP A 149 -10.54 6.76 42.64
C ASP A 149 -10.80 7.92 41.67
N ARG A 150 -12.06 8.04 41.19
CA ARG A 150 -12.45 9.13 40.29
C ARG A 150 -12.46 10.46 41.05
N SER A 151 -12.60 10.40 42.39
CA SER A 151 -12.59 11.59 43.24
C SER A 151 -11.27 11.74 44.01
N CYS A 152 -10.18 11.20 43.47
CA CYS A 152 -8.89 11.28 44.14
C CYS A 152 -8.46 12.71 44.39
N TYR A 153 -8.10 13.03 45.65
CA TYR A 153 -7.63 14.36 46.05
C TYR A 153 -6.13 14.41 46.12
N ILE A 154 -5.50 13.24 45.98
CA ILE A 154 -4.06 13.08 46.11
C ILE A 154 -3.33 13.21 44.80
N CYS A 155 -3.72 12.39 43.81
CA CYS A 155 -3.11 12.34 42.50
C CYS A 155 -3.28 13.63 41.70
N HIS A 156 -2.21 14.00 41.02
CA HIS A 156 -2.15 15.21 40.22
C HIS A 156 -2.74 14.93 38.84
N ARG A 157 -3.66 15.80 38.43
CA ARG A 157 -4.38 15.73 37.17
C ARG A 157 -3.83 16.73 36.20
N GLN A 158 -4.07 16.53 34.90
CA GLN A 158 -3.64 17.52 33.92
C GLN A 158 -4.78 17.78 32.96
N LEU A 159 -5.03 19.06 32.64
CA LEU A 159 -6.05 19.51 31.67
C LEU A 159 -5.32 20.37 30.68
N LEU A 160 -5.89 20.53 29.49
CA LEU A 160 -5.32 21.48 28.54
C LEU A 160 -6.27 22.66 28.43
N PHE A 161 -5.74 23.85 28.27
CA PHE A 161 -6.53 25.06 28.01
C PHE A 161 -6.07 25.47 26.61
N CYS A 162 -6.98 25.30 25.64
CA CYS A 162 -6.70 25.34 24.21
C CYS A 162 -7.22 26.48 23.43
N ARG A 163 -6.48 26.82 22.38
CA ARG A 163 -6.96 27.79 21.41
C ARG A 163 -7.75 26.95 20.40
N VAL A 164 -9.05 27.23 20.22
CA VAL A 164 -9.88 26.43 19.32
C VAL A 164 -10.52 27.32 18.24
N THR A 165 -10.34 26.95 16.98
CA THR A 165 -10.98 27.68 15.88
C THR A 165 -12.35 27.05 15.63
N LEU A 166 -13.42 27.79 15.89
CA LEU A 166 -14.77 27.27 15.66
C LEU A 166 -15.33 27.61 14.29
N GLY A 167 -14.83 28.70 13.68
CA GLY A 167 -15.35 29.19 12.40
C GLY A 167 -16.85 29.33 12.42
N LYS A 168 -17.52 28.85 11.35
CA LYS A 168 -18.98 28.89 11.28
C LYS A 168 -19.44 27.66 12.05
N SER A 169 -19.94 27.88 13.27
CA SER A 169 -20.30 26.80 14.18
C SER A 169 -21.76 26.45 14.09
N PHE A 170 -22.03 25.18 13.84
CA PHE A 170 -23.39 24.67 13.70
C PHE A 170 -23.99 24.48 15.09
N LEU A 171 -25.05 25.25 15.42
CA LEU A 171 -25.69 25.16 16.74
C LEU A 171 -26.65 23.99 16.81
N GLN A 172 -26.43 23.07 17.75
CA GLN A 172 -27.26 21.87 17.88
C GLN A 172 -27.62 21.62 19.35
N PHE A 173 -28.83 21.10 19.61
CA PHE A 173 -29.29 20.80 20.98
C PHE A 173 -29.32 19.30 21.25
N SER A 174 -29.78 18.51 20.27
CA SER A 174 -29.91 17.07 20.46
C SER A 174 -28.77 16.31 19.78
N ALA A 175 -28.57 15.04 20.15
CA ALA A 175 -27.55 14.15 19.59
C ALA A 175 -27.62 14.14 18.06
N MET A 176 -26.46 14.31 17.42
CA MET A 176 -26.34 14.37 15.96
C MET A 176 -24.99 13.73 15.64
N LYS A 177 -24.98 12.43 15.38
CA LYS A 177 -23.75 11.69 15.12
C LYS A 177 -23.12 11.99 13.77
N MET A 178 -22.23 12.97 13.75
CA MET A 178 -21.58 13.22 12.47
CA MET A 178 -21.49 13.47 12.58
C MET A 178 -20.17 12.72 12.40
N ALA A 179 -19.72 12.55 11.16
CA ALA A 179 -18.37 12.07 10.88
C ALA A 179 -17.50 13.33 10.70
N HIS A 180 -18.08 14.39 10.13
CA HIS A 180 -17.39 15.63 9.79
C HIS A 180 -18.25 16.80 10.16
N SER A 181 -17.72 18.02 10.03
CA SER A 181 -18.55 19.22 10.27
C SER A 181 -19.75 19.20 9.32
N PRO A 182 -20.92 19.76 9.71
CA PRO A 182 -22.02 19.86 8.75
C PRO A 182 -21.59 20.69 7.52
N PRO A 183 -22.20 20.43 6.33
CA PRO A 183 -21.87 21.24 5.14
C PRO A 183 -21.84 22.75 5.43
N GLY A 184 -20.83 23.42 4.91
CA GLY A 184 -20.64 24.86 5.07
C GLY A 184 -20.17 25.32 6.44
N HIS A 185 -19.96 24.39 7.40
CA HIS A 185 -19.57 24.74 8.77
C HIS A 185 -18.17 24.21 9.10
N HIS A 186 -17.58 24.69 10.22
CA HIS A 186 -16.22 24.33 10.65
C HIS A 186 -16.21 23.67 12.03
N SER A 187 -17.36 23.64 12.70
CA SER A 187 -17.52 23.03 14.02
C SER A 187 -18.99 22.87 14.38
N VAL A 188 -19.22 22.21 15.54
CA VAL A 188 -20.55 22.06 16.14
C VAL A 188 -20.48 22.60 17.56
N THR A 189 -21.48 23.45 17.91
CA THR A 189 -21.67 23.92 19.28
C THR A 189 -22.89 23.20 19.84
N GLY A 190 -22.67 22.44 20.91
CA GLY A 190 -23.71 21.75 21.65
C GLY A 190 -24.22 22.71 22.71
N ARG A 191 -25.47 23.19 22.53
CA ARG A 191 -26.15 24.15 23.42
C ARG A 191 -26.97 23.44 24.52
N PRO A 192 -26.97 23.95 25.79
CA PRO A 192 -27.80 23.32 26.86
C PRO A 192 -29.31 23.31 26.53
N SER A 193 -30.00 22.23 26.92
CA SER A 193 -31.45 22.05 26.74
C SER A 193 -32.04 21.15 27.85
N VAL A 194 -33.37 21.32 28.11
CA VAL A 194 -34.13 20.61 29.15
C VAL A 194 -33.86 19.10 29.17
N ASN A 195 -34.07 18.44 28.03
CA ASN A 195 -33.89 16.99 27.89
C ASN A 195 -32.51 16.61 27.35
N GLY A 196 -31.61 17.59 27.28
CA GLY A 196 -30.26 17.38 26.75
C GLY A 196 -29.15 17.78 27.69
N LEU A 197 -28.19 18.52 27.14
CA LEU A 197 -26.99 18.97 27.82
C LEU A 197 -27.27 19.92 28.95
N ALA A 198 -26.50 19.79 30.02
CA ALA A 198 -26.56 20.66 31.19
C ALA A 198 -25.69 21.88 30.91
N LEU A 199 -24.58 21.66 30.17
CA LEU A 199 -23.58 22.67 29.84
C LEU A 199 -23.20 22.58 28.37
N ALA A 200 -22.63 23.65 27.81
CA ALA A 200 -22.19 23.72 26.43
C ALA A 200 -20.98 22.82 26.18
N GLU A 201 -20.79 22.46 24.93
CA GLU A 201 -19.63 21.73 24.44
C GLU A 201 -19.39 22.13 22.99
N TYR A 202 -18.12 22.06 22.56
CA TYR A 202 -17.68 22.54 21.26
C TYR A 202 -16.94 21.43 20.60
N VAL A 203 -17.30 21.11 19.36
CA VAL A 203 -16.74 19.93 18.69
C VAL A 203 -16.13 20.32 17.38
N ILE A 204 -14.88 19.87 17.15
CA ILE A 204 -14.22 20.06 15.86
C ILE A 204 -13.98 18.70 15.25
N TYR A 205 -13.83 18.61 13.93
CA TYR A 205 -13.68 17.32 13.26
C TYR A 205 -12.37 17.22 12.49
N ARG A 206 -11.49 18.21 12.73
CA ARG A 206 -10.13 18.33 12.15
C ARG A 206 -9.22 18.71 13.29
N GLY A 207 -8.22 17.87 13.57
CA GLY A 207 -7.28 18.08 14.67
C GLY A 207 -6.52 19.39 14.61
N GLU A 208 -6.22 19.90 13.41
CA GLU A 208 -5.47 21.16 13.21
C GLU A 208 -6.26 22.43 13.62
N GLN A 209 -7.56 22.28 13.95
CA GLN A 209 -8.41 23.39 14.41
C GLN A 209 -8.30 23.68 15.92
N ALA A 210 -7.30 23.07 16.58
CA ALA A 210 -7.05 23.37 17.98
C ALA A 210 -5.58 23.32 18.29
N TYR A 211 -5.14 24.16 19.22
CA TYR A 211 -3.75 24.21 19.66
C TYR A 211 -3.72 24.06 21.19
N PRO A 212 -2.97 23.08 21.74
CA PRO A 212 -2.95 22.91 23.21
C PRO A 212 -2.02 23.92 23.84
N GLU A 213 -2.51 25.13 24.08
CA GLU A 213 -1.70 26.25 24.55
C GLU A 213 -1.16 26.17 25.98
N TYR A 214 -2.00 25.71 26.92
CA TYR A 214 -1.56 25.62 28.31
C TYR A 214 -1.82 24.25 28.88
N LEU A 215 -0.81 23.74 29.58
CA LEU A 215 -0.93 22.47 30.29
C LEU A 215 -1.05 22.84 31.75
N ILE A 216 -2.19 22.48 32.35
CA ILE A 216 -2.48 22.78 33.76
C ILE A 216 -2.36 21.50 34.57
N THR A 217 -1.50 21.53 35.59
CA THR A 217 -1.34 20.43 36.53
C THR A 217 -2.06 20.86 37.80
N TYR A 218 -2.97 20.03 38.29
CA TYR A 218 -3.80 20.43 39.41
C TYR A 218 -4.32 19.23 40.20
N GLN A 219 -4.98 19.53 41.30
CA GLN A 219 -5.72 18.53 42.06
C GLN A 219 -7.11 19.11 42.26
N ILE A 220 -8.11 18.25 42.35
CA ILE A 220 -9.44 18.70 42.79
C ILE A 220 -9.32 18.79 44.32
N MET A 221 -10.00 19.75 44.95
CA MET A 221 -9.88 19.87 46.42
C MET A 221 -11.12 19.43 47.12
N ARG A 222 -10.94 18.75 48.24
CA ARG A 222 -12.03 18.28 49.09
C ARG A 222 -12.84 19.50 49.58
N PRO A 223 -14.19 19.51 49.40
CA PRO A 223 -14.99 20.67 49.85
C PRO A 223 -14.86 20.96 51.35
N GLU A 224 -14.85 22.25 51.73
CA GLU A 224 -14.70 22.68 53.12
C GLU A 224 -15.97 22.46 53.94
N LEU B 17 11.26 -0.77 -31.83
CA LEU B 17 11.68 -2.02 -31.20
C LEU B 17 12.24 -3.06 -32.15
N TYR B 18 11.81 -3.11 -33.43
CA TYR B 18 12.24 -4.14 -34.38
C TYR B 18 13.20 -3.79 -35.52
N PHE B 19 14.10 -4.74 -35.87
CA PHE B 19 15.07 -4.58 -36.96
C PHE B 19 15.16 -5.86 -37.80
N GLN B 20 15.38 -5.75 -39.14
CA GLN B 20 15.53 -6.89 -40.06
C GLN B 20 16.79 -6.82 -40.94
N GLY B 21 17.45 -7.97 -41.14
CA GLY B 21 18.64 -8.10 -41.99
C GLY B 21 18.39 -8.79 -43.32
N SER B 22 19.21 -8.44 -44.36
CA SER B 22 19.18 -8.97 -45.75
C SER B 22 19.32 -10.51 -45.84
N PRO B 23 19.07 -11.16 -47.03
CA PRO B 23 19.23 -12.64 -47.10
C PRO B 23 20.66 -13.08 -46.75
N ASP B 24 21.64 -12.28 -47.22
CA ASP B 24 23.07 -12.46 -47.00
C ASP B 24 23.52 -11.93 -45.63
N ASP B 25 22.58 -11.40 -44.80
CA ASP B 25 22.89 -10.95 -43.44
C ASP B 25 23.13 -12.22 -42.61
N LYS B 26 24.42 -12.44 -42.30
CA LYS B 26 25.00 -13.57 -41.58
C LYS B 26 24.28 -13.89 -40.27
N GLU B 27 23.68 -12.88 -39.65
CA GLU B 27 22.96 -12.88 -38.38
C GLU B 27 21.59 -13.55 -38.47
N PHE B 28 20.80 -13.20 -39.52
CA PHE B 28 19.43 -13.71 -39.84
CA PHE B 28 19.48 -13.74 -39.64
C PHE B 28 19.50 -15.18 -40.19
N GLN B 29 20.49 -15.51 -41.06
CA GLN B 29 20.71 -16.87 -41.57
C GLN B 29 21.11 -17.78 -40.42
N SER B 30 21.92 -17.25 -39.50
CA SER B 30 22.38 -17.97 -38.32
C SER B 30 21.19 -18.34 -37.40
N VAL B 31 20.26 -17.40 -37.22
CA VAL B 31 19.05 -17.63 -36.43
C VAL B 31 18.16 -18.65 -37.14
N GLU B 32 17.98 -18.50 -38.46
CA GLU B 32 17.18 -19.45 -39.23
C GLU B 32 17.81 -20.85 -39.12
N GLU B 33 19.13 -20.95 -39.21
CA GLU B 33 19.84 -22.25 -39.13
C GLU B 33 19.65 -22.89 -37.75
N GLU B 34 19.65 -22.09 -36.68
CA GLU B 34 19.45 -22.63 -35.34
C GLU B 34 18.01 -23.13 -35.17
N MET B 35 17.09 -22.38 -35.72
CA MET B 35 15.68 -22.72 -35.72
C MET B 35 15.46 -24.07 -36.48
N GLN B 36 16.01 -24.20 -37.71
CA GLN B 36 15.84 -25.40 -38.54
C GLN B 36 16.61 -26.62 -38.03
N SER B 37 17.88 -26.44 -37.70
CA SER B 37 18.77 -27.55 -37.31
C SER B 37 18.49 -28.19 -35.95
N THR B 38 17.73 -27.50 -35.08
CA THR B 38 17.43 -28.02 -33.75
C THR B 38 16.08 -28.74 -33.65
N VAL B 39 15.37 -28.88 -34.77
CA VAL B 39 14.10 -29.64 -34.81
C VAL B 39 14.41 -31.09 -34.48
N ARG B 40 13.58 -31.70 -33.62
CA ARG B 40 13.72 -33.11 -33.25
C ARG B 40 12.37 -33.80 -33.36
N GLU B 41 12.40 -35.13 -33.39
CA GLU B 41 11.18 -35.95 -33.39
C GLU B 41 10.74 -35.99 -31.91
N HIS B 42 9.51 -35.62 -31.63
CA HIS B 42 9.05 -35.59 -30.26
C HIS B 42 8.37 -36.90 -29.83
N ARG B 43 8.54 -37.25 -28.55
CA ARG B 43 7.96 -38.45 -27.92
C ARG B 43 6.43 -38.50 -28.04
N ASP B 44 5.76 -37.33 -28.03
CA ASP B 44 4.29 -37.25 -28.17
C ASP B 44 3.76 -37.45 -29.61
N GLY B 45 4.66 -37.80 -30.56
CA GLY B 45 4.32 -38.01 -31.97
C GLY B 45 3.76 -36.79 -32.70
N GLY B 46 4.05 -35.60 -32.18
CA GLY B 46 3.56 -34.35 -32.75
C GLY B 46 2.26 -33.85 -32.16
N HIS B 47 1.76 -34.50 -31.09
CA HIS B 47 0.49 -34.14 -30.44
C HIS B 47 0.42 -32.66 -30.04
N ALA B 48 1.43 -32.16 -29.28
CA ALA B 48 1.44 -30.79 -28.81
C ALA B 48 1.77 -29.75 -29.90
N GLY B 49 2.83 -30.00 -30.68
CA GLY B 49 3.35 -29.02 -31.64
C GLY B 49 3.06 -29.23 -33.12
N GLY B 50 2.50 -30.39 -33.48
CA GLY B 50 2.21 -30.69 -34.88
C GLY B 50 3.25 -31.58 -35.52
N ILE B 51 2.95 -32.05 -36.74
CA ILE B 51 3.83 -32.95 -37.51
C ILE B 51 4.56 -32.16 -38.60
N PHE B 52 5.89 -32.17 -38.53
CA PHE B 52 6.75 -31.40 -39.45
C PHE B 52 8.20 -31.81 -39.24
N ASN B 53 9.04 -31.55 -40.24
CA ASN B 53 10.48 -31.79 -40.16
C ASN B 53 11.21 -30.44 -40.24
N ARG B 54 10.54 -29.44 -40.82
CA ARG B 54 11.10 -28.11 -41.02
C ARG B 54 10.03 -27.02 -40.95
N TYR B 55 10.47 -25.77 -40.92
CA TYR B 55 9.57 -24.64 -40.90
C TYR B 55 9.68 -23.83 -42.18
N ASN B 56 8.68 -22.96 -42.40
CA ASN B 56 8.73 -21.91 -43.39
C ASN B 56 8.94 -20.65 -42.52
N ILE B 57 10.18 -20.14 -42.49
CA ILE B 57 10.51 -18.93 -41.72
C ILE B 57 10.04 -17.70 -42.48
N LEU B 58 9.08 -16.95 -41.91
CA LEU B 58 8.50 -15.79 -42.58
C LEU B 58 9.20 -14.49 -42.30
N LYS B 59 9.61 -14.28 -41.04
CA LYS B 59 10.24 -13.03 -40.63
C LYS B 59 11.05 -13.31 -39.39
N ILE B 60 12.19 -12.61 -39.27
CA ILE B 60 13.04 -12.65 -38.08
C ILE B 60 13.30 -11.19 -37.76
N GLN B 61 12.88 -10.76 -36.57
CA GLN B 61 13.06 -9.36 -36.16
C GLN B 61 13.92 -9.33 -34.94
N LYS B 62 14.88 -8.41 -34.91
CA LYS B 62 15.71 -8.20 -33.73
C LYS B 62 14.98 -7.23 -32.84
N VAL B 63 14.85 -7.58 -31.54
CA VAL B 63 14.17 -6.77 -30.54
C VAL B 63 15.19 -5.86 -29.88
N CYS B 64 14.91 -4.54 -29.90
CA CYS B 64 15.77 -3.53 -29.31
C CYS B 64 14.96 -2.77 -28.28
N ASN B 65 14.97 -3.27 -27.05
CA ASN B 65 14.27 -2.70 -25.93
C ASN B 65 15.34 -2.31 -24.90
N LYS B 66 15.74 -1.03 -24.90
CA LYS B 66 16.80 -0.50 -24.03
C LYS B 66 16.60 -0.78 -22.55
N LYS B 67 15.37 -0.57 -22.03
CA LYS B 67 15.06 -0.83 -20.62
C LYS B 67 15.29 -2.30 -20.24
N LEU B 68 14.82 -3.22 -21.10
CA LEU B 68 14.99 -4.65 -20.86
C LEU B 68 16.44 -5.05 -20.99
N TRP B 69 17.16 -4.47 -21.97
CA TRP B 69 18.58 -4.79 -22.18
C TRP B 69 19.41 -4.36 -20.97
N GLU B 70 19.14 -3.17 -20.43
CA GLU B 70 19.84 -2.66 -19.24
C GLU B 70 19.58 -3.52 -18.00
N ARG B 71 18.33 -3.97 -17.84
CA ARG B 71 17.92 -4.86 -16.72
C ARG B 71 18.67 -6.19 -16.85
N TYR B 72 18.72 -6.70 -18.09
CA TYR B 72 19.39 -7.96 -18.39
C TYR B 72 20.90 -7.87 -18.13
N THR B 73 21.59 -6.85 -18.69
CA THR B 73 23.05 -6.74 -18.53
C THR B 73 23.47 -6.46 -17.12
N HIS B 74 22.63 -5.74 -16.33
CA HIS B 74 22.95 -5.47 -14.92
C HIS B 74 22.96 -6.79 -14.17
N ARG B 75 21.94 -7.63 -14.40
CA ARG B 75 21.83 -8.92 -13.74
C ARG B 75 22.94 -9.86 -14.23
N ARG B 76 23.24 -9.83 -15.53
CA ARG B 76 24.27 -10.70 -16.11
C ARG B 76 25.64 -10.46 -15.44
N LYS B 77 25.97 -9.20 -15.19
CA LYS B 77 27.23 -8.83 -14.57
C LYS B 77 27.29 -9.36 -13.13
N GLU B 78 26.17 -9.24 -12.39
CA GLU B 78 26.00 -9.71 -11.02
C GLU B 78 26.18 -11.23 -10.96
N VAL B 79 25.54 -11.97 -11.88
CA VAL B 79 25.64 -13.43 -11.95
C VAL B 79 27.10 -13.84 -12.27
N SER B 80 27.71 -13.22 -13.29
CA SER B 80 29.12 -13.49 -13.66
C SER B 80 30.05 -13.35 -12.45
N GLU B 81 29.87 -12.29 -11.68
CA GLU B 81 30.68 -12.05 -10.47
C GLU B 81 30.46 -13.10 -9.37
N GLU B 82 29.26 -13.71 -9.33
CA GLU B 82 28.92 -14.77 -8.37
C GLU B 82 29.25 -16.13 -8.95
N ASN B 83 29.70 -16.18 -10.20
CA ASN B 83 29.98 -17.46 -10.81
C ASN B 83 31.41 -17.56 -11.31
N HIS B 84 32.38 -17.08 -10.52
CA HIS B 84 33.81 -17.15 -10.86
C HIS B 84 34.09 -16.55 -12.25
N ASN B 85 33.38 -15.44 -12.57
CA ASN B 85 33.53 -14.64 -13.77
C ASN B 85 32.97 -15.23 -15.07
N HIS B 86 31.95 -16.11 -14.95
CA HIS B 86 31.29 -16.69 -16.11
C HIS B 86 29.80 -16.44 -15.97
N ALA B 87 29.23 -15.70 -16.91
CA ALA B 87 27.77 -15.47 -16.95
C ALA B 87 27.06 -16.77 -17.38
N ASN B 88 27.75 -17.65 -18.16
CA ASN B 88 27.19 -18.91 -18.70
C ASN B 88 25.92 -18.55 -19.51
N GLU B 89 26.09 -17.62 -20.44
CA GLU B 89 25.00 -17.15 -21.29
C GLU B 89 24.79 -18.09 -22.48
N ARG B 90 23.51 -18.38 -22.80
CA ARG B 90 23.17 -19.22 -23.94
C ARG B 90 22.05 -18.61 -24.74
N MET B 91 22.01 -18.89 -26.04
CA MET B 91 20.88 -18.49 -26.88
C MET B 91 19.91 -19.67 -26.86
N LEU B 92 18.69 -19.45 -26.41
CA LEU B 92 17.70 -20.51 -26.22
C LEU B 92 16.33 -20.05 -26.70
N PHE B 93 15.51 -21.00 -27.08
CA PHE B 93 14.16 -20.71 -27.56
C PHE B 93 13.16 -20.62 -26.44
N HIS B 94 12.12 -19.80 -26.65
CA HIS B 94 10.99 -19.68 -25.72
C HIS B 94 9.69 -19.63 -26.53
N GLY B 95 8.78 -20.55 -26.27
CA GLY B 95 7.47 -20.60 -26.91
C GLY B 95 6.41 -20.16 -25.92
N SER B 96 5.50 -19.29 -26.36
CA SER B 96 4.45 -18.76 -25.48
C SER B 96 3.39 -18.06 -26.31
N PRO B 97 2.11 -18.11 -25.89
CA PRO B 97 1.09 -17.28 -26.59
C PRO B 97 1.28 -15.78 -26.30
N PHE B 98 2.14 -15.43 -25.32
CA PHE B 98 2.33 -14.04 -24.85
C PHE B 98 3.65 -13.37 -25.22
N VAL B 99 4.18 -13.75 -26.37
CA VAL B 99 5.43 -13.19 -26.88
C VAL B 99 5.43 -11.65 -27.01
N ASN B 100 4.29 -11.05 -27.42
CA ASN B 100 4.18 -9.58 -27.53
C ASN B 100 4.32 -8.88 -26.19
N ALA B 101 3.73 -9.44 -25.12
CA ALA B 101 3.86 -8.89 -23.78
C ALA B 101 5.31 -9.03 -23.30
N ILE B 102 5.97 -10.16 -23.64
CA ILE B 102 7.37 -10.40 -23.21
C ILE B 102 8.31 -9.38 -23.85
N ILE B 103 8.14 -9.10 -25.15
CA ILE B 103 8.99 -8.15 -25.86
C ILE B 103 8.87 -6.73 -25.29
N HIS B 104 7.66 -6.38 -24.85
CA HIS B 104 7.42 -5.04 -24.28
C HIS B 104 7.77 -4.92 -22.80
N LYS B 105 7.35 -5.90 -21.99
CA LYS B 105 7.49 -5.87 -20.54
C LYS B 105 8.61 -6.73 -19.99
N GLY B 106 9.09 -7.70 -20.76
CA GLY B 106 10.14 -8.62 -20.33
C GLY B 106 9.58 -9.87 -19.71
N PHE B 107 10.46 -10.82 -19.44
CA PHE B 107 10.08 -12.05 -18.76
C PHE B 107 9.78 -11.67 -17.30
N ASP B 108 8.80 -12.34 -16.71
CA ASP B 108 8.32 -12.03 -15.38
C ASP B 108 8.08 -13.32 -14.61
N GLU B 109 8.93 -13.59 -13.60
CA GLU B 109 8.75 -14.79 -12.79
C GLU B 109 7.42 -14.80 -12.01
N ARG B 110 6.77 -13.64 -11.83
CA ARG B 110 5.51 -13.56 -11.12
C ARG B 110 4.38 -14.30 -11.89
N HIS B 111 4.62 -14.59 -13.18
CA HIS B 111 3.69 -15.32 -14.04
C HIS B 111 3.97 -16.82 -14.07
N ALA B 112 5.01 -17.26 -13.34
CA ALA B 112 5.38 -18.66 -13.19
C ALA B 112 4.81 -19.24 -11.88
N TYR B 113 4.27 -20.48 -11.94
CA TYR B 113 3.72 -21.18 -10.76
C TYR B 113 4.36 -22.54 -10.53
N ILE B 114 4.36 -22.98 -9.27
CA ILE B 114 5.01 -24.19 -8.74
C ILE B 114 4.80 -25.53 -9.49
N GLY B 115 3.72 -25.62 -10.26
CA GLY B 115 3.34 -26.83 -11.00
C GLY B 115 4.30 -27.43 -12.01
N GLY B 116 5.15 -26.62 -12.65
CA GLY B 116 6.11 -27.07 -13.67
C GLY B 116 7.09 -28.13 -13.17
N MET B 117 7.77 -28.87 -14.10
CA MET B 117 8.70 -29.95 -13.71
C MET B 117 9.78 -29.50 -12.71
N PHE B 118 10.28 -28.27 -12.92
CA PHE B 118 11.28 -27.65 -12.05
C PHE B 118 10.71 -26.45 -11.27
N GLY B 119 9.41 -26.49 -11.05
CA GLY B 119 8.73 -25.48 -10.25
C GLY B 119 8.48 -24.15 -10.94
N ALA B 120 8.37 -23.11 -10.14
CA ALA B 120 7.97 -21.76 -10.54
C ALA B 120 9.05 -20.97 -11.29
N GLY B 121 9.46 -21.50 -12.44
CA GLY B 121 10.46 -20.83 -13.25
C GLY B 121 9.98 -20.45 -14.62
N ILE B 122 10.88 -19.88 -15.43
CA ILE B 122 10.68 -19.48 -16.83
C ILE B 122 11.51 -20.47 -17.63
N TYR B 123 10.88 -21.22 -18.52
CA TYR B 123 11.44 -22.37 -19.22
C TYR B 123 11.88 -22.09 -20.64
N PHE B 124 13.06 -22.60 -20.99
CA PHE B 124 13.66 -22.41 -22.33
C PHE B 124 14.16 -23.73 -22.86
N ALA B 125 14.29 -23.83 -24.19
CA ALA B 125 14.77 -25.05 -24.83
C ALA B 125 15.91 -24.76 -25.77
N GLU B 126 16.78 -25.76 -25.99
CA GLU B 126 17.81 -25.59 -27.01
C GLU B 126 17.30 -26.16 -28.36
N ASN B 127 16.11 -26.79 -28.35
CA ASN B 127 15.48 -27.36 -29.56
C ASN B 127 14.25 -26.52 -29.88
N SER B 128 14.23 -25.85 -31.05
CA SER B 128 13.12 -24.99 -31.47
C SER B 128 11.78 -25.73 -31.45
N SER B 129 11.77 -27.02 -31.85
CA SER B 129 10.54 -27.81 -31.90
C SER B 129 9.98 -28.08 -30.49
N LYS B 130 10.84 -28.05 -29.47
CA LYS B 130 10.33 -28.20 -28.08
C LYS B 130 9.54 -26.93 -27.72
N SER B 131 10.12 -25.75 -28.00
CA SER B 131 9.47 -24.47 -27.71
C SER B 131 8.20 -24.29 -28.56
N ASN B 132 8.18 -24.86 -29.76
CA ASN B 132 7.02 -24.84 -30.66
C ASN B 132 5.79 -25.52 -30.02
N GLN B 133 6.01 -26.50 -29.12
CA GLN B 133 4.93 -27.19 -28.39
C GLN B 133 4.18 -26.28 -27.43
N TYR B 134 4.71 -25.07 -27.17
CA TYR B 134 4.12 -24.14 -26.20
C TYR B 134 3.53 -22.87 -26.77
N VAL B 135 3.69 -22.68 -28.09
CA VAL B 135 3.22 -21.48 -28.78
C VAL B 135 1.73 -21.22 -28.60
N TYR B 136 0.91 -22.29 -28.65
CA TYR B 136 -0.53 -22.14 -28.49
C TYR B 136 -1.05 -22.48 -27.07
N GLY B 137 -0.13 -22.64 -26.14
CA GLY B 137 -0.44 -22.96 -24.76
C GLY B 137 0.26 -24.22 -24.28
N ILE B 138 -0.01 -24.60 -23.02
CA ILE B 138 0.57 -25.80 -22.42
C ILE B 138 0.07 -27.03 -23.20
N GLY B 139 1.02 -27.84 -23.66
CA GLY B 139 0.70 -29.03 -24.47
C GLY B 139 0.09 -28.67 -25.81
N GLY B 140 0.31 -27.44 -26.26
CA GLY B 140 -0.22 -26.89 -27.50
C GLY B 140 -1.63 -26.32 -27.39
N GLY B 141 -2.20 -26.34 -26.17
CA GLY B 141 -3.56 -25.89 -25.90
C GLY B 141 -4.56 -26.55 -26.84
N THR B 142 -5.43 -25.73 -27.43
CA THR B 142 -6.38 -26.19 -28.44
C THR B 142 -5.87 -25.87 -29.84
N GLY B 143 -4.59 -25.52 -29.97
CA GLY B 143 -4.00 -25.18 -31.26
C GLY B 143 -4.29 -23.76 -31.70
N CYS B 144 -4.21 -23.51 -33.01
CA CYS B 144 -4.40 -22.17 -33.60
C CYS B 144 -5.79 -21.58 -33.29
N PRO B 145 -5.92 -20.25 -33.11
CA PRO B 145 -7.25 -19.68 -32.81
C PRO B 145 -8.29 -19.86 -33.92
N VAL B 146 -7.86 -19.89 -35.20
CA VAL B 146 -8.78 -20.00 -36.34
C VAL B 146 -9.31 -21.42 -36.57
N HIS B 147 -8.43 -22.45 -36.59
CA HIS B 147 -8.85 -23.81 -36.91
C HIS B 147 -8.84 -24.79 -35.74
N LYS B 148 -8.40 -24.35 -34.54
CA LYS B 148 -8.28 -25.20 -33.34
C LYS B 148 -7.47 -26.50 -33.68
N ASP B 149 -6.38 -26.29 -34.43
CA ASP B 149 -5.51 -27.34 -34.92
C ASP B 149 -4.09 -27.12 -34.38
N ARG B 150 -3.60 -28.07 -33.55
CA ARG B 150 -2.24 -27.99 -33.00
C ARG B 150 -1.21 -28.21 -34.12
N SER B 151 -1.62 -28.87 -35.22
CA SER B 151 -0.74 -29.12 -36.38
C SER B 151 -1.08 -28.21 -37.56
N CYS B 152 -1.65 -27.01 -37.30
CA CYS B 152 -2.03 -26.13 -38.40
C CYS B 152 -0.85 -25.73 -39.25
N TYR B 153 -0.99 -25.85 -40.59
CA TYR B 153 0.07 -25.47 -41.54
C TYR B 153 -0.18 -24.11 -42.14
N ILE B 154 -1.35 -23.55 -41.86
CA ILE B 154 -1.81 -22.28 -42.42
C ILE B 154 -1.45 -21.10 -41.54
N CYS B 155 -1.86 -21.15 -40.26
CA CYS B 155 -1.64 -20.08 -39.30
C CYS B 155 -0.17 -19.84 -38.95
N HIS B 156 0.17 -18.56 -38.84
CA HIS B 156 1.53 -18.11 -38.55
C HIS B 156 1.78 -18.14 -37.06
N ARG B 157 2.91 -18.74 -36.67
CA ARG B 157 3.32 -18.91 -35.29
C ARG B 157 4.46 -17.97 -34.95
N GLN B 158 4.69 -17.70 -33.67
CA GLN B 158 5.83 -16.86 -33.29
C GLN B 158 6.58 -17.51 -32.14
N LEU B 159 7.92 -17.52 -32.19
CA LEU B 159 8.79 -18.05 -31.12
C LEU B 159 9.77 -16.93 -30.78
N LEU B 160 10.38 -16.96 -29.59
CA LEU B 160 11.45 -16.02 -29.27
C LEU B 160 12.77 -16.80 -29.23
N PHE B 161 13.86 -16.19 -29.69
CA PHE B 161 15.20 -16.78 -29.58
C PHE B 161 15.91 -15.79 -28.67
N CYS B 162 16.18 -16.24 -27.43
CA CYS B 162 16.57 -15.41 -26.29
C CYS B 162 17.98 -15.53 -25.83
N ARG B 163 18.47 -14.45 -25.24
CA ARG B 163 19.77 -14.46 -24.55
C ARG B 163 19.43 -14.83 -23.12
N VAL B 164 19.95 -15.96 -22.61
CA VAL B 164 19.60 -16.41 -21.25
C VAL B 164 20.88 -16.55 -20.40
N THR B 165 20.90 -15.92 -19.23
CA THR B 165 22.01 -16.04 -18.28
C THR B 165 21.71 -17.25 -17.37
N LEU B 166 22.52 -18.30 -17.48
CA LEU B 166 22.34 -19.48 -16.63
C LEU B 166 23.19 -19.46 -15.37
N GLY B 167 24.30 -18.73 -15.40
CA GLY B 167 25.23 -18.71 -14.26
C GLY B 167 25.63 -20.10 -13.82
N LYS B 168 25.62 -20.32 -12.47
CA LYS B 168 25.96 -21.64 -11.93
C LYS B 168 24.64 -22.41 -12.00
N SER B 169 24.55 -23.35 -12.95
CA SER B 169 23.30 -24.05 -13.24
C SER B 169 23.23 -25.35 -12.52
N PHE B 170 22.18 -25.55 -11.77
CA PHE B 170 21.99 -26.77 -10.99
C PHE B 170 21.47 -27.85 -11.92
N LEU B 171 22.24 -28.91 -12.12
CA LEU B 171 21.88 -29.99 -13.03
C LEU B 171 20.91 -30.98 -12.39
N GLN B 172 19.81 -31.32 -13.07
CA GLN B 172 18.81 -32.26 -12.52
C GLN B 172 18.36 -33.23 -13.56
N PHE B 173 18.01 -34.45 -13.17
CA PHE B 173 17.53 -35.44 -14.13
C PHE B 173 16.05 -35.73 -13.93
N SER B 174 15.56 -35.49 -12.71
CA SER B 174 14.19 -35.74 -12.29
C SER B 174 13.51 -34.46 -11.79
N ALA B 175 12.16 -34.49 -11.69
CA ALA B 175 11.34 -33.38 -11.21
C ALA B 175 11.81 -32.87 -9.85
N MET B 176 11.91 -31.55 -9.72
CA MET B 176 12.37 -30.89 -8.51
C MET B 176 11.63 -29.55 -8.47
N LYS B 177 10.50 -29.49 -7.77
CA LYS B 177 9.67 -28.28 -7.70
C LYS B 177 10.27 -27.18 -6.84
N MET B 178 11.02 -26.27 -7.47
CA MET B 178 11.70 -25.13 -6.84
C MET B 178 10.78 -23.89 -6.89
N ALA B 179 10.91 -22.99 -5.92
CA ALA B 179 10.27 -21.66 -5.97
C ALA B 179 11.36 -20.72 -6.55
N HIS B 180 12.65 -20.95 -6.17
CA HIS B 180 13.77 -20.12 -6.59
C HIS B 180 14.91 -21.01 -7.03
N SER B 181 16.00 -20.43 -7.52
CA SER B 181 17.19 -21.23 -7.85
C SER B 181 17.68 -21.92 -6.58
N PRO B 182 18.27 -23.13 -6.68
CA PRO B 182 18.85 -23.74 -5.48
C PRO B 182 19.93 -22.83 -4.85
N PRO B 183 20.17 -22.91 -3.52
CA PRO B 183 21.22 -22.06 -2.92
C PRO B 183 22.55 -22.10 -3.70
N GLY B 184 23.16 -20.93 -3.88
CA GLY B 184 24.43 -20.79 -4.60
C GLY B 184 24.35 -20.94 -6.12
N HIS B 185 23.15 -21.17 -6.67
CA HIS B 185 22.95 -21.35 -8.12
C HIS B 185 22.09 -20.22 -8.73
N HIS B 186 22.08 -20.11 -10.10
CA HIS B 186 21.37 -19.05 -10.81
C HIS B 186 20.34 -19.61 -11.77
N SER B 187 20.33 -20.94 -11.92
CA SER B 187 19.41 -21.61 -12.81
C SER B 187 19.38 -23.10 -12.58
N VAL B 188 18.45 -23.77 -13.28
CA VAL B 188 18.33 -25.22 -13.24
C VAL B 188 18.37 -25.71 -14.69
N THR B 189 19.20 -26.75 -14.94
CA THR B 189 19.27 -27.42 -16.24
C THR B 189 18.70 -28.80 -16.06
N GLY B 190 17.64 -29.10 -16.82
CA GLY B 190 17.05 -30.42 -16.88
C GLY B 190 17.80 -31.14 -17.98
N ARG B 191 18.52 -32.20 -17.62
CA ARG B 191 19.33 -32.96 -18.60
C ARG B 191 18.57 -34.21 -19.03
N PRO B 192 18.66 -34.61 -20.31
CA PRO B 192 17.98 -35.83 -20.77
C PRO B 192 18.46 -37.09 -20.05
N SER B 193 17.52 -38.01 -19.76
CA SER B 193 17.78 -39.31 -19.12
C SER B 193 16.75 -40.35 -19.55
N VAL B 194 17.14 -41.66 -19.49
CA VAL B 194 16.34 -42.83 -19.87
C VAL B 194 14.87 -42.76 -19.41
N ASN B 195 14.66 -42.62 -18.09
CA ASN B 195 13.33 -42.56 -17.51
C ASN B 195 12.87 -41.13 -17.20
N GLY B 196 13.55 -40.15 -17.79
CA GLY B 196 13.25 -38.73 -17.60
C GLY B 196 13.00 -37.98 -18.89
N LEU B 197 13.62 -36.79 -19.00
CA LEU B 197 13.48 -35.91 -20.18
C LEU B 197 14.07 -36.51 -21.42
N ALA B 198 13.44 -36.23 -22.56
CA ALA B 198 13.89 -36.68 -23.88
C ALA B 198 14.91 -35.67 -24.39
N LEU B 199 14.68 -34.39 -24.05
CA LEU B 199 15.48 -33.25 -24.49
C LEU B 199 15.72 -32.32 -23.31
N ALA B 200 16.77 -31.52 -23.39
CA ALA B 200 17.13 -30.57 -22.33
C ALA B 200 16.13 -29.46 -22.18
N GLU B 201 16.12 -28.83 -21.01
CA GLU B 201 15.38 -27.62 -20.73
C GLU B 201 16.15 -26.81 -19.69
N TYR B 202 16.00 -25.49 -19.74
CA TYR B 202 16.75 -24.55 -18.91
C TYR B 202 15.76 -23.65 -18.23
N VAL B 203 15.92 -23.48 -16.91
CA VAL B 203 14.94 -22.74 -16.12
C VAL B 203 15.62 -21.64 -15.32
N ILE B 204 15.04 -20.45 -15.38
CA ILE B 204 15.45 -19.31 -14.55
C ILE B 204 14.28 -18.92 -13.65
N TYR B 205 14.57 -18.30 -12.50
CA TYR B 205 13.58 -17.97 -11.50
C TYR B 205 13.53 -16.48 -11.27
N ARG B 206 14.21 -15.70 -12.15
CA ARG B 206 14.26 -14.21 -12.17
C ARG B 206 14.11 -13.80 -13.61
N GLY B 207 13.06 -13.02 -13.88
CA GLY B 207 12.75 -12.55 -15.24
C GLY B 207 13.88 -11.77 -15.90
N GLU B 208 14.68 -11.04 -15.10
CA GLU B 208 15.80 -10.22 -15.62
C GLU B 208 16.98 -11.03 -16.16
N GLN B 209 16.98 -12.35 -15.96
CA GLN B 209 18.04 -13.24 -16.45
C GLN B 209 17.84 -13.73 -17.89
N ALA B 210 16.89 -13.12 -18.62
CA ALA B 210 16.68 -13.40 -20.04
C ALA B 210 16.32 -12.12 -20.79
N TYR B 211 16.73 -12.08 -22.05
CA TYR B 211 16.43 -10.97 -22.95
C TYR B 211 15.82 -11.55 -24.24
N PRO B 212 14.62 -11.10 -24.66
CA PRO B 212 13.99 -11.67 -25.88
C PRO B 212 14.60 -11.02 -27.11
N GLU B 213 15.75 -11.52 -27.57
CA GLU B 213 16.52 -10.91 -28.65
C GLU B 213 15.93 -11.00 -30.05
N TYR B 214 15.34 -12.15 -30.43
CA TYR B 214 14.76 -12.29 -31.76
C TYR B 214 13.35 -12.81 -31.71
N LEU B 215 12.47 -12.20 -32.49
CA LEU B 215 11.10 -12.66 -32.67
C LEU B 215 11.04 -13.33 -34.03
N ILE B 216 10.71 -14.64 -34.04
CA ILE B 216 10.63 -15.44 -35.27
C ILE B 216 9.19 -15.71 -35.60
N THR B 217 8.74 -15.31 -36.79
CA THR B 217 7.41 -15.58 -37.30
C THR B 217 7.59 -16.71 -38.32
N TYR B 218 6.81 -17.78 -38.18
CA TYR B 218 7.00 -18.94 -39.02
C TYR B 218 5.74 -19.80 -39.15
N GLN B 219 5.81 -20.82 -40.00
CA GLN B 219 4.81 -21.86 -40.09
C GLN B 219 5.55 -23.17 -39.97
N ILE B 220 4.89 -24.20 -39.46
CA ILE B 220 5.44 -25.54 -39.52
C ILE B 220 5.07 -26.00 -40.95
N MET B 221 5.92 -26.81 -41.59
CA MET B 221 5.62 -27.28 -42.94
C MET B 221 5.22 -28.72 -42.99
N ARG B 222 4.21 -29.00 -43.83
CA ARG B 222 3.71 -30.36 -44.03
C ARG B 222 4.86 -31.24 -44.58
N PRO B 223 5.14 -32.41 -43.95
CA PRO B 223 6.25 -33.26 -44.46
C PRO B 223 6.08 -33.68 -45.92
N GLU B 224 7.22 -33.80 -46.62
CA GLU B 224 7.22 -34.16 -48.05
C GLU B 224 6.97 -35.64 -48.27
N ASN C 16 -13.22 28.83 -17.97
CA ASN C 16 -12.60 29.78 -17.04
C ASN C 16 -11.42 29.15 -16.28
N LEU C 17 -11.70 28.10 -15.47
CA LEU C 17 -10.69 27.30 -14.76
C LEU C 17 -10.20 26.17 -15.72
N TYR C 18 -10.85 26.04 -16.90
CA TYR C 18 -10.66 24.97 -17.88
C TYR C 18 -9.73 25.31 -19.03
N PHE C 19 -8.70 24.49 -19.25
CA PHE C 19 -7.76 24.69 -20.35
C PHE C 19 -7.76 23.46 -21.24
N GLN C 20 -8.34 23.65 -22.44
CA GLN C 20 -8.47 22.61 -23.47
C GLN C 20 -7.09 22.01 -23.79
N GLY C 21 -7.01 20.70 -23.62
CA GLY C 21 -5.79 19.94 -23.81
C GLY C 21 -5.40 19.75 -25.25
N SER C 22 -4.08 19.93 -25.52
CA SER C 22 -3.41 19.76 -26.80
C SER C 22 -3.45 18.23 -27.12
N PRO C 23 -4.34 17.79 -28.05
CA PRO C 23 -4.47 16.34 -28.32
C PRO C 23 -3.25 15.62 -28.90
N ASP C 24 -2.17 16.37 -29.18
CA ASP C 24 -0.92 15.84 -29.72
C ASP C 24 0.11 15.65 -28.63
N ASP C 25 -0.17 16.20 -27.42
CA ASP C 25 0.69 16.11 -26.25
C ASP C 25 0.67 14.72 -25.67
N LYS C 26 1.82 14.31 -25.12
CA LYS C 26 1.99 13.01 -24.47
C LYS C 26 1.11 12.96 -23.23
N GLU C 27 0.97 14.13 -22.54
CA GLU C 27 0.15 14.36 -21.36
C GLU C 27 -1.32 13.97 -21.61
N PHE C 28 -1.95 14.45 -22.72
CA PHE C 28 -3.34 14.14 -23.16
CA PHE C 28 -3.33 14.09 -22.96
C PHE C 28 -3.47 12.65 -23.48
N GLN C 29 -2.51 12.15 -24.28
CA GLN C 29 -2.46 10.76 -24.76
C GLN C 29 -2.35 9.85 -23.57
N SER C 30 -1.56 10.22 -22.57
CA SER C 30 -1.35 9.47 -21.34
C SER C 30 -2.69 9.32 -20.58
N VAL C 31 -3.45 10.43 -20.50
CA VAL C 31 -4.77 10.45 -19.85
C VAL C 31 -5.74 9.54 -20.62
N GLU C 32 -5.76 9.68 -21.95
CA GLU C 32 -6.63 8.84 -22.79
C GLU C 32 -6.26 7.36 -22.61
N GLU C 33 -4.95 7.05 -22.61
CA GLU C 33 -4.51 5.66 -22.45
C GLU C 33 -4.92 5.07 -21.08
N GLU C 34 -4.84 5.86 -20.00
CA GLU C 34 -5.24 5.40 -18.68
C GLU C 34 -6.77 5.17 -18.64
N MET C 35 -7.50 6.07 -19.26
CA MET C 35 -8.95 5.97 -19.34
C MET C 35 -9.34 4.66 -20.09
N GLN C 36 -8.74 4.41 -21.27
CA GLN C 36 -9.04 3.22 -22.09
C GLN C 36 -8.53 1.90 -21.52
N SER C 37 -7.25 1.86 -21.09
CA SER C 37 -6.62 0.61 -20.64
C SER C 37 -7.14 0.07 -19.30
N THR C 38 -7.84 0.90 -18.50
CA THR C 38 -8.31 0.47 -17.18
C THR C 38 -9.78 0.01 -17.18
N VAL C 39 -10.42 -0.03 -18.37
CA VAL C 39 -11.79 -0.54 -18.47
C VAL C 39 -11.79 -2.01 -18.10
N ARG C 40 -12.80 -2.44 -17.32
CA ARG C 40 -12.98 -3.85 -16.94
C ARG C 40 -14.44 -4.26 -17.17
N GLU C 41 -14.69 -5.56 -17.21
CA GLU C 41 -16.05 -6.12 -17.32
C GLU C 41 -16.62 -6.05 -15.91
N HIS C 42 -17.82 -5.46 -15.73
CA HIS C 42 -18.36 -5.35 -14.38
C HIS C 42 -19.28 -6.50 -13.99
N ARG C 43 -19.26 -6.87 -12.70
CA ARG C 43 -20.06 -7.95 -12.12
C ARG C 43 -21.57 -7.77 -12.33
N ASP C 44 -22.06 -6.51 -12.34
CA ASP C 44 -23.49 -6.22 -12.54
C ASP C 44 -23.96 -6.36 -14.01
N GLY C 45 -23.10 -6.88 -14.89
CA GLY C 45 -23.40 -7.07 -16.31
C GLY C 45 -23.64 -5.78 -17.09
N GLY C 46 -23.19 -4.65 -16.54
CA GLY C 46 -23.34 -3.34 -17.16
C GLY C 46 -24.55 -2.57 -16.69
N HIS C 47 -25.25 -3.08 -15.67
CA HIS C 47 -26.44 -2.44 -15.13
C HIS C 47 -26.28 -0.97 -14.77
N ALA C 48 -25.26 -0.66 -13.96
CA ALA C 48 -25.01 0.71 -13.51
C ALA C 48 -24.38 1.63 -14.55
N GLY C 49 -23.32 1.18 -15.21
CA GLY C 49 -22.56 2.03 -16.13
C GLY C 49 -22.75 1.82 -17.62
N GLY C 50 -23.46 0.76 -17.99
CA GLY C 50 -23.69 0.45 -19.39
C GLY C 50 -22.79 -0.64 -19.92
N ILE C 51 -23.04 -1.09 -21.15
CA ILE C 51 -22.28 -2.16 -21.80
C ILE C 51 -21.35 -1.54 -22.82
N PHE C 52 -20.05 -1.78 -22.64
CA PHE C 52 -19.00 -1.21 -23.52
C PHE C 52 -17.66 -1.86 -23.20
N ASN C 53 -16.71 -1.77 -24.13
CA ASN C 53 -15.35 -2.25 -23.93
C ASN C 53 -14.39 -1.06 -24.01
N ARG C 54 -14.84 0.03 -24.63
CA ARG C 54 -14.00 1.23 -24.80
C ARG C 54 -14.86 2.49 -24.84
N TYR C 55 -14.19 3.64 -24.81
CA TYR C 55 -14.89 4.92 -24.90
C TYR C 55 -14.55 5.63 -26.18
N ASN C 56 -15.35 6.65 -26.50
CA ASN C 56 -15.03 7.63 -27.49
C ASN C 56 -14.66 8.87 -26.63
N ILE C 57 -13.36 9.18 -26.50
CA ILE C 57 -12.88 10.34 -25.73
C ILE C 57 -13.05 11.60 -26.58
N LEU C 58 -13.88 12.52 -26.09
CA LEU C 58 -14.20 13.74 -26.85
C LEU C 58 -13.35 14.94 -26.55
N LYS C 59 -13.02 15.14 -25.28
CA LYS C 59 -12.27 16.30 -24.83
C LYS C 59 -11.60 15.95 -23.52
N ILE C 60 -10.41 16.49 -23.30
CA ILE C 60 -9.70 16.39 -22.02
C ILE C 60 -9.27 17.83 -21.70
N GLN C 61 -9.74 18.35 -20.57
CA GLN C 61 -9.42 19.71 -20.14
C GLN C 61 -8.65 19.66 -18.86
N LYS C 62 -7.59 20.44 -18.77
CA LYS C 62 -6.82 20.53 -17.54
C LYS C 62 -7.44 21.59 -16.68
N VAL C 63 -7.65 21.28 -15.39
CA VAL C 63 -8.25 22.19 -14.43
C VAL C 63 -7.13 22.95 -13.72
N CYS C 64 -7.22 24.28 -13.73
CA CYS C 64 -6.24 25.19 -13.11
C CYS C 64 -6.97 26.05 -12.10
N ASN C 65 -7.03 25.56 -10.87
CA ASN C 65 -7.72 26.23 -9.78
C ASN C 65 -6.69 26.45 -8.70
N LYS C 66 -6.10 27.64 -8.65
CA LYS C 66 -5.01 28.01 -7.74
C LYS C 66 -5.31 27.75 -6.27
N LYS C 67 -6.51 28.14 -5.80
CA LYS C 67 -6.92 27.93 -4.42
C LYS C 67 -6.96 26.44 -4.06
N LEU C 68 -7.53 25.59 -4.94
CA LEU C 68 -7.59 24.15 -4.71
C LEU C 68 -6.23 23.54 -4.79
N TRP C 69 -5.39 24.00 -5.72
CA TRP C 69 -4.04 23.45 -5.88
C TRP C 69 -3.19 23.74 -4.64
N GLU C 70 -3.26 24.96 -4.12
CA GLU C 70 -2.53 25.35 -2.91
C GLU C 70 -2.97 24.54 -1.69
N ARG C 71 -4.29 24.33 -1.54
CA ARG C 71 -4.87 23.55 -0.44
C ARG C 71 -4.36 22.10 -0.55
N TYR C 72 -4.32 21.58 -1.81
CA TYR C 72 -3.86 20.22 -2.07
C TYR C 72 -2.36 20.05 -1.77
N THR C 73 -1.50 20.94 -2.30
CA THR C 73 -0.05 20.80 -2.06
C THR C 73 0.36 21.01 -0.62
N HIS C 74 -0.39 21.86 0.12
CA HIS C 74 -0.13 22.07 1.53
C HIS C 74 -0.38 20.77 2.30
N ARG C 75 -1.50 20.10 1.99
CA ARG C 75 -1.87 18.85 2.65
C ARG C 75 -0.89 17.73 2.23
N ARG C 76 -0.51 17.71 0.95
CA ARG C 76 0.41 16.71 0.43
C ARG C 76 1.75 16.72 1.17
N LYS C 77 2.26 17.92 1.44
CA LYS C 77 3.52 18.09 2.16
C LYS C 77 3.41 17.56 3.60
N GLU C 78 2.29 17.85 4.27
CA GLU C 78 1.97 17.42 5.64
C GLU C 78 1.88 15.88 5.71
N VAL C 79 1.18 15.25 4.75
CA VAL C 79 1.07 13.78 4.71
C VAL C 79 2.47 13.18 4.47
N SER C 80 3.21 13.77 3.51
CA SER C 80 4.56 13.31 3.15
C SER C 80 5.45 13.25 4.40
N GLU C 81 5.40 14.30 5.23
CA GLU C 81 6.17 14.44 6.48
C GLU C 81 5.77 13.43 7.54
N GLU C 82 4.49 13.00 7.54
CA GLU C 82 3.97 11.99 8.46
C GLU C 82 4.19 10.59 7.88
N ASN C 83 4.63 10.49 6.63
CA ASN C 83 4.79 9.19 5.98
C ASN C 83 6.20 8.96 5.46
N HIS C 84 7.21 9.31 6.27
CA HIS C 84 8.65 9.16 5.99
C HIS C 84 9.03 9.70 4.62
N ASN C 85 8.58 10.94 4.37
CA ASN C 85 8.86 11.71 3.15
C ASN C 85 8.28 11.19 1.84
N HIS C 86 7.18 10.45 1.90
CA HIS C 86 6.52 10.02 0.67
C HIS C 86 5.05 10.25 0.76
N ALA C 87 4.54 11.02 -0.18
CA ALA C 87 3.12 11.38 -0.23
C ALA C 87 2.23 10.22 -0.70
N ASN C 88 2.80 9.25 -1.45
CA ASN C 88 2.05 8.14 -2.07
C ASN C 88 0.89 8.70 -2.92
N GLU C 89 1.25 9.60 -3.82
CA GLU C 89 0.30 10.23 -4.72
C GLU C 89 0.01 9.32 -5.93
N ARG C 90 -1.28 9.24 -6.30
CA ARG C 90 -1.72 8.45 -7.44
C ARG C 90 -2.71 9.23 -8.26
N MET C 91 -2.74 8.95 -9.58
CA MET C 91 -3.76 9.54 -10.42
C MET C 91 -4.93 8.55 -10.42
N LEU C 92 -6.10 9.00 -10.01
CA LEU C 92 -7.25 8.10 -9.93
C LEU C 92 -8.50 8.76 -10.47
N PHE C 93 -9.47 7.94 -10.85
CA PHE C 93 -10.75 8.43 -11.41
C PHE C 93 -11.78 8.72 -10.34
N HIS C 94 -12.64 9.71 -10.61
CA HIS C 94 -13.79 10.02 -9.76
C HIS C 94 -15.00 10.29 -10.66
N GLY C 95 -16.09 9.54 -10.46
CA GLY C 95 -17.31 9.76 -11.22
C GLY C 95 -18.36 10.36 -10.30
N SER C 96 -19.07 11.36 -10.81
CA SER C 96 -20.08 12.05 -10.01
C SER C 96 -20.96 12.91 -10.89
N PRO C 97 -22.25 13.08 -10.55
CA PRO C 97 -23.07 14.09 -11.26
C PRO C 97 -22.66 15.54 -10.91
N PHE C 98 -21.78 15.72 -9.91
CA PHE C 98 -21.39 17.05 -9.44
C PHE C 98 -19.98 17.50 -9.78
N VAL C 99 -19.46 17.02 -10.90
CA VAL C 99 -18.11 17.35 -11.35
C VAL C 99 -17.83 18.86 -11.45
N ASN C 100 -18.81 19.64 -11.94
CA ASN C 100 -18.65 21.08 -12.07
C ASN C 100 -18.50 21.79 -10.74
N ALA C 101 -19.24 21.35 -9.71
CA ALA C 101 -19.11 21.89 -8.36
C ALA C 101 -17.73 21.49 -7.76
N ILE C 102 -17.25 20.28 -8.05
CA ILE C 102 -15.95 19.80 -7.57
C ILE C 102 -14.80 20.65 -8.15
N ILE C 103 -14.86 20.93 -9.45
CA ILE C 103 -13.81 21.74 -10.11
C ILE C 103 -13.73 23.17 -9.55
N HIS C 104 -14.86 23.72 -9.16
CA HIS C 104 -14.90 25.06 -8.61
C HIS C 104 -14.63 25.10 -7.11
N LYS C 105 -15.27 24.23 -6.34
CA LYS C 105 -15.19 24.24 -4.87
C LYS C 105 -14.28 23.20 -4.26
N GLY C 106 -13.92 22.17 -5.04
CA GLY C 106 -13.08 21.10 -4.53
C GLY C 106 -13.88 19.98 -3.94
N PHE C 107 -13.18 18.90 -3.61
CA PHE C 107 -13.77 17.78 -2.91
C PHE C 107 -14.04 18.27 -1.47
N ASP C 108 -15.11 17.78 -0.86
CA ASP C 108 -15.53 18.23 0.44
C ASP C 108 -16.02 17.04 1.26
N GLU C 109 -15.25 16.66 2.30
CA GLU C 109 -15.65 15.54 3.17
C GLU C 109 -16.96 15.82 3.94
N ARG C 110 -17.36 17.11 4.04
CA ARG C 110 -18.61 17.46 4.75
C ARG C 110 -19.86 16.95 3.97
N HIS C 111 -19.65 16.55 2.69
CA HIS C 111 -20.71 15.97 1.87
C HIS C 111 -20.67 14.45 1.85
N ALA C 112 -19.73 13.85 2.62
CA ALA C 112 -19.61 12.40 2.75
C ALA C 112 -20.28 11.96 4.06
N TYR C 113 -21.03 10.84 4.01
CA TYR C 113 -21.70 10.28 5.19
C TYR C 113 -21.33 8.83 5.42
N ILE C 114 -21.42 8.41 6.68
CA ILE C 114 -21.03 7.11 7.21
C ILE C 114 -21.49 5.83 6.46
N GLY C 115 -22.56 5.93 5.69
CA GLY C 115 -23.15 4.83 4.95
C GLY C 115 -22.31 4.04 3.94
N GLY C 116 -21.29 4.67 3.34
CA GLY C 116 -20.44 4.02 2.33
C GLY C 116 -19.72 2.78 2.86
N MET C 117 -19.23 1.90 1.96
CA MET C 117 -18.52 0.66 2.36
C MET C 117 -17.38 0.93 3.38
N PHE C 118 -16.65 2.03 3.18
CA PHE C 118 -15.55 2.44 4.05
C PHE C 118 -15.87 3.75 4.80
N GLY C 119 -17.16 3.97 5.02
CA GLY C 119 -17.63 5.12 5.77
C GLY C 119 -17.59 6.45 5.04
N ALA C 120 -17.49 7.52 5.85
CA ALA C 120 -17.62 8.91 5.42
C ALA C 120 -16.41 9.46 4.67
N GLY C 121 -16.10 8.85 3.54
CA GLY C 121 -14.97 9.27 2.74
C GLY C 121 -15.35 9.72 1.34
N ILE C 122 -14.31 10.08 0.55
CA ILE C 122 -14.41 10.46 -0.86
C ILE C 122 -13.75 9.31 -1.60
N TYR C 123 -14.49 8.69 -2.53
CA TYR C 123 -14.12 7.44 -3.19
C TYR C 123 -13.56 7.62 -4.58
N PHE C 124 -12.47 6.89 -4.87
CA PHE C 124 -11.83 6.93 -6.20
C PHE C 124 -11.59 5.53 -6.71
N ALA C 125 -11.41 5.40 -8.01
CA ALA C 125 -11.10 4.09 -8.62
C ALA C 125 -9.86 4.17 -9.47
N GLU C 126 -9.13 3.04 -9.62
CA GLU C 126 -8.03 2.99 -10.57
C GLU C 126 -8.56 2.48 -11.91
N ASN C 127 -9.84 2.04 -11.97
CA ASN C 127 -10.46 1.56 -13.21
C ASN C 127 -11.50 2.59 -13.62
N SER C 128 -11.29 3.24 -14.77
CA SER C 128 -12.21 4.27 -15.26
C SER C 128 -13.68 3.78 -15.32
N SER C 129 -13.88 2.52 -15.72
CA SER C 129 -15.21 1.93 -15.87
C SER C 129 -15.95 1.78 -14.51
N LYS C 130 -15.17 1.69 -13.41
CA LYS C 130 -15.81 1.67 -12.08
C LYS C 130 -16.38 3.09 -11.77
N SER C 131 -15.58 4.14 -12.01
CA SER C 131 -16.00 5.54 -11.78
C SER C 131 -17.14 5.90 -12.73
N ASN C 132 -17.15 5.29 -13.93
CA ASN C 132 -18.22 5.50 -14.92
C ASN C 132 -19.61 5.10 -14.38
N GLN C 133 -19.68 4.10 -13.48
CA GLN C 133 -20.91 3.64 -12.84
C GLN C 133 -21.57 4.70 -11.94
N TYR C 134 -20.85 5.80 -11.64
CA TYR C 134 -21.33 6.85 -10.75
C TYR C 134 -21.64 8.18 -11.39
N VAL C 135 -21.33 8.32 -12.66
CA VAL C 135 -21.52 9.55 -13.39
C VAL C 135 -22.96 10.09 -13.34
N TYR C 136 -23.96 9.20 -13.42
CA TYR C 136 -25.38 9.59 -13.39
C TYR C 136 -26.04 9.35 -12.02
N GLY C 137 -25.23 9.05 -11.02
CA GLY C 137 -25.69 8.80 -9.66
C GLY C 137 -25.30 7.43 -9.14
N ILE C 138 -25.73 7.12 -7.90
CA ILE C 138 -25.45 5.85 -7.27
C ILE C 138 -26.09 4.74 -8.07
N GLY C 139 -25.28 3.76 -8.46
CA GLY C 139 -25.69 2.64 -9.29
C GLY C 139 -26.17 3.07 -10.67
N GLY C 140 -25.69 4.24 -11.12
CA GLY C 140 -26.03 4.87 -12.39
C GLY C 140 -27.30 5.69 -12.39
N GLY C 141 -27.97 5.78 -11.23
CA GLY C 141 -29.25 6.49 -11.07
C GLY C 141 -30.27 6.01 -12.07
N THR C 142 -30.92 6.96 -12.76
CA THR C 142 -31.86 6.65 -13.85
C THR C 142 -31.18 6.83 -15.22
N GLY C 143 -29.86 6.99 -15.22
CA GLY C 143 -29.11 7.17 -16.45
C GLY C 143 -29.10 8.58 -16.95
N CYS C 144 -28.82 8.76 -18.23
CA CYS C 144 -28.73 10.08 -18.86
C CYS C 144 -30.01 10.92 -18.68
N PRO C 145 -29.90 12.25 -18.51
CA PRO C 145 -31.13 13.07 -18.37
C PRO C 145 -32.07 13.06 -19.59
N VAL C 146 -31.53 12.91 -20.82
CA VAL C 146 -32.34 12.93 -22.05
C VAL C 146 -33.10 11.63 -22.32
N HIS C 147 -32.43 10.47 -22.24
CA HIS C 147 -33.07 9.20 -22.58
C HIS C 147 -33.36 8.27 -21.39
N LYS C 148 -32.95 8.64 -20.16
CA LYS C 148 -33.10 7.83 -18.95
C LYS C 148 -32.52 6.41 -19.20
N ASP C 149 -31.33 6.38 -19.83
CA ASP C 149 -30.65 5.16 -20.21
C ASP C 149 -29.26 5.15 -19.57
N ARG C 150 -29.02 4.16 -18.66
CA ARG C 150 -27.73 4.03 -18.00
C ARG C 150 -26.65 3.58 -18.99
N SER C 151 -27.08 2.95 -20.10
CA SER C 151 -26.18 2.50 -21.15
C SER C 151 -26.25 3.41 -22.39
N CYS C 152 -26.59 4.69 -22.21
CA CYS C 152 -26.70 5.62 -23.34
C CYS C 152 -25.38 5.76 -24.08
N TYR C 153 -25.42 5.62 -25.41
CA TYR C 153 -24.24 5.73 -26.27
C TYR C 153 -24.17 7.10 -26.92
N ILE C 154 -25.23 7.89 -26.74
CA ILE C 154 -25.40 9.19 -27.39
C ILE C 154 -24.92 10.31 -26.51
N CYS C 155 -25.46 10.41 -25.28
CA CYS C 155 -25.13 11.46 -24.33
C CYS C 155 -23.69 11.46 -23.86
N HIS C 156 -23.15 12.68 -23.75
CA HIS C 156 -21.77 12.90 -23.35
C HIS C 156 -21.66 12.86 -21.85
N ARG C 157 -20.71 12.08 -21.36
CA ARG C 157 -20.45 11.89 -19.92
C ARG C 157 -19.19 12.61 -19.53
N GLN C 158 -19.02 12.86 -18.23
CA GLN C 158 -17.79 13.49 -17.76
C GLN C 158 -17.26 12.76 -16.55
N LEU C 159 -15.93 12.49 -16.50
CA LEU C 159 -15.25 11.86 -15.36
C LEU C 159 -14.14 12.83 -14.96
N LEU C 160 -13.68 12.75 -13.71
CA LEU C 160 -12.49 13.49 -13.30
C LEU C 160 -11.33 12.50 -13.19
N PHE C 161 -10.13 12.92 -13.57
CA PHE C 161 -8.92 12.14 -13.36
C PHE C 161 -8.12 13.02 -12.44
N CYS C 162 -7.98 12.54 -11.18
CA CYS C 162 -7.50 13.31 -10.05
C CYS C 162 -6.17 12.95 -9.48
N ARG C 163 -5.51 13.95 -8.93
CA ARG C 163 -4.28 13.72 -8.16
C ARG C 163 -4.77 13.40 -6.73
N VAL C 164 -4.43 12.21 -6.21
CA VAL C 164 -4.91 11.82 -4.88
C VAL C 164 -3.70 11.48 -3.99
N THR C 165 -3.64 12.11 -2.80
CA THR C 165 -2.57 11.78 -1.83
C THR C 165 -3.10 10.63 -0.94
N LEU C 166 -2.46 9.47 -1.01
CA LEU C 166 -2.89 8.33 -0.20
C LEU C 166 -2.10 8.18 1.10
N GLY C 167 -0.87 8.73 1.14
CA GLY C 167 -0.02 8.57 2.31
C GLY C 167 0.16 7.11 2.71
N LYS C 168 0.08 6.80 4.01
CA LYS C 168 0.12 5.42 4.49
C LYS C 168 -1.32 4.93 4.37
N SER C 169 -1.57 4.07 3.40
CA SER C 169 -2.93 3.58 3.10
C SER C 169 -3.26 2.29 3.81
N PHE C 170 -4.39 2.29 4.49
CA PHE C 170 -4.84 1.13 5.27
C PHE C 170 -5.49 0.14 4.29
N LEU C 171 -4.89 -1.08 4.14
CA LEU C 171 -5.39 -2.08 3.19
C LEU C 171 -6.51 -2.87 3.85
N GLN C 172 -7.65 -2.99 3.15
CA GLN C 172 -8.82 -3.65 3.73
C GLN C 172 -9.65 -4.41 2.69
N PHE C 173 -10.30 -5.54 3.08
CA PHE C 173 -11.19 -6.24 2.15
C PHE C 173 -12.68 -5.98 2.42
N SER C 174 -13.05 -6.08 3.69
CA SER C 174 -14.44 -6.01 4.08
C SER C 174 -14.86 -4.62 4.56
N ALA C 175 -16.17 -4.38 4.63
CA ALA C 175 -16.74 -3.10 5.05
C ALA C 175 -16.15 -2.68 6.39
N MET C 176 -15.80 -1.39 6.49
CA MET C 176 -15.20 -0.81 7.68
C MET C 176 -15.66 0.64 7.69
N LYS C 177 -16.76 0.93 8.39
CA LYS C 177 -17.34 2.27 8.40
C LYS C 177 -16.56 3.27 9.26
N MET C 178 -15.61 3.96 8.61
CA MET C 178 -14.72 4.95 9.21
C MET C 178 -15.37 6.36 9.14
N ALA C 179 -15.08 7.22 10.14
CA ALA C 179 -15.42 8.63 10.02
C ALA C 179 -14.18 9.32 9.45
N HIS C 180 -12.99 8.86 9.83
CA HIS C 180 -11.70 9.45 9.45
C HIS C 180 -10.77 8.32 9.06
N SER C 181 -9.55 8.65 8.60
CA SER C 181 -8.56 7.61 8.27
C SER C 181 -8.27 6.81 9.53
N PRO C 182 -7.95 5.49 9.44
CA PRO C 182 -7.53 4.78 10.66
C PRO C 182 -6.31 5.47 11.32
N PRO C 183 -6.14 5.36 12.66
CA PRO C 183 -4.96 5.98 13.31
C PRO C 183 -3.63 5.63 12.59
N GLY C 184 -2.78 6.63 12.43
CA GLY C 184 -1.48 6.48 11.76
C GLY C 184 -1.51 6.32 10.25
N HIS C 185 -2.73 6.36 9.64
CA HIS C 185 -2.90 6.20 8.19
C HIS C 185 -3.52 7.48 7.55
N HIS C 186 -3.55 7.57 6.23
CA HIS C 186 -4.04 8.79 5.55
C HIS C 186 -5.10 8.51 4.53
N SER C 187 -5.47 7.24 4.39
CA SER C 187 -6.47 6.80 3.44
C SER C 187 -6.75 5.33 3.70
N VAL C 188 -7.73 4.79 2.98
CA VAL C 188 -8.09 3.38 2.98
C VAL C 188 -8.09 2.89 1.53
N THR C 189 -7.51 1.71 1.28
CA THR C 189 -7.57 1.05 -0.01
C THR C 189 -8.43 -0.20 0.18
N GLY C 190 -9.54 -0.26 -0.53
CA GLY C 190 -10.38 -1.43 -0.57
C GLY C 190 -9.77 -2.35 -1.61
N ARG C 191 -9.30 -3.51 -1.18
CA ARG C 191 -8.67 -4.47 -2.10
C ARG C 191 -9.65 -5.50 -2.58
N PRO C 192 -9.47 -6.02 -3.82
CA PRO C 192 -10.37 -7.08 -4.31
C PRO C 192 -10.22 -8.39 -3.54
N SER C 193 -11.33 -9.08 -3.36
CA SER C 193 -11.38 -10.38 -2.70
C SER C 193 -12.59 -11.18 -3.21
N VAL C 194 -12.48 -12.52 -3.19
CA VAL C 194 -13.54 -13.44 -3.65
C VAL C 194 -14.92 -13.10 -3.09
N ASN C 195 -15.04 -12.92 -1.77
CA ASN C 195 -16.30 -12.61 -1.11
C ASN C 195 -16.47 -11.09 -0.82
N GLY C 196 -15.71 -10.27 -1.53
CA GLY C 196 -15.72 -8.83 -1.37
C GLY C 196 -15.76 -8.07 -2.68
N LEU C 197 -14.93 -7.03 -2.80
CA LEU C 197 -14.81 -6.15 -3.97
C LEU C 197 -14.30 -6.88 -5.16
N ALA C 198 -14.81 -6.52 -6.35
CA ALA C 198 -14.34 -7.08 -7.61
C ALA C 198 -13.08 -6.32 -8.07
N LEU C 199 -13.03 -5.02 -7.75
CA LEU C 199 -11.94 -4.11 -8.14
C LEU C 199 -11.55 -3.23 -6.96
N ALA C 200 -10.32 -2.63 -7.00
CA ALA C 200 -9.85 -1.75 -5.94
C ALA C 200 -10.65 -0.45 -5.87
N GLU C 201 -10.60 0.21 -4.71
CA GLU C 201 -11.12 1.55 -4.51
C GLU C 201 -10.27 2.22 -3.45
N TYR C 202 -10.18 3.55 -3.51
CA TYR C 202 -9.29 4.35 -2.65
C TYR C 202 -10.12 5.40 -2.01
N VAL C 203 -10.01 5.53 -0.69
CA VAL C 203 -10.88 6.44 0.06
C VAL C 203 -10.02 7.40 0.88
N ILE C 204 -10.32 8.68 0.78
CA ILE C 204 -9.68 9.71 1.61
C ILE C 204 -10.81 10.31 2.46
N TYR C 205 -10.45 10.94 3.57
CA TYR C 205 -11.41 11.47 4.53
C TYR C 205 -11.26 12.96 4.72
N ARG C 206 -10.46 13.58 3.84
CA ARG C 206 -10.19 15.03 3.83
C ARG C 206 -10.26 15.46 2.38
N GLY C 207 -11.14 16.41 2.09
CA GLY C 207 -11.33 16.93 0.74
C GLY C 207 -10.07 17.47 0.11
N GLU C 208 -9.18 18.08 0.94
CA GLU C 208 -7.94 18.69 0.46
C GLU C 208 -6.88 17.67 0.01
N GLN C 209 -7.12 16.36 0.23
CA GLN C 209 -6.18 15.32 -0.15
C GLN C 209 -6.38 14.83 -1.59
N ALA C 210 -7.21 15.54 -2.38
CA ALA C 210 -7.39 15.28 -3.81
C ALA C 210 -7.49 16.58 -4.60
N TYR C 211 -7.02 16.56 -5.83
CA TYR C 211 -7.07 17.70 -6.72
C TYR C 211 -7.70 17.25 -8.05
N PRO C 212 -8.81 17.86 -8.50
CA PRO C 212 -9.44 17.41 -9.78
C PRO C 212 -8.68 17.96 -10.98
N GLU C 213 -7.61 17.29 -11.38
CA GLU C 213 -6.71 17.77 -12.41
C GLU C 213 -7.22 17.74 -13.85
N TYR C 214 -7.96 16.70 -14.25
CA TYR C 214 -8.45 16.61 -15.62
C TYR C 214 -9.91 16.32 -15.65
N LEU C 215 -10.61 17.02 -16.51
CA LEU C 215 -12.02 16.77 -16.77
C LEU C 215 -12.08 16.08 -18.14
N ILE C 216 -12.59 14.84 -18.17
CA ILE C 216 -12.68 14.04 -19.39
C ILE C 216 -14.13 14.00 -19.84
N THR C 217 -14.38 14.41 -21.09
CA THR C 217 -15.71 14.34 -21.69
C THR C 217 -15.64 13.16 -22.68
N TYR C 218 -16.58 12.23 -22.55
CA TYR C 218 -16.54 11.02 -23.35
C TYR C 218 -17.91 10.41 -23.55
N GLN C 219 -17.96 9.38 -24.39
CA GLN C 219 -19.12 8.52 -24.53
C GLN C 219 -18.65 7.10 -24.33
N ILE C 220 -19.51 6.23 -23.81
CA ILE C 220 -19.22 4.79 -23.82
C ILE C 220 -19.54 4.34 -25.25
N MET C 221 -18.81 3.36 -25.78
CA MET C 221 -19.08 2.90 -27.16
C MET C 221 -19.76 1.56 -27.19
N ARG C 222 -20.74 1.41 -28.09
CA ARG C 222 -21.42 0.14 -28.29
C ARG C 222 -20.38 -0.94 -28.73
N PRO C 223 -20.34 -2.10 -28.07
CA PRO C 223 -19.35 -3.14 -28.46
C PRO C 223 -19.43 -3.58 -29.92
N GLU D 27 18.34 8.54 17.21
CA GLU D 27 18.43 7.40 16.31
C GLU D 27 18.35 6.03 17.02
N PHE D 28 19.27 5.72 17.97
CA PHE D 28 19.22 4.44 18.68
C PHE D 28 18.07 4.41 19.68
N GLN D 29 17.75 5.56 20.34
CA GLN D 29 16.62 5.66 21.28
C GLN D 29 15.32 5.36 20.52
N SER D 30 15.23 5.84 19.27
CA SER D 30 14.10 5.61 18.38
C SER D 30 13.94 4.12 18.07
N VAL D 31 15.07 3.42 17.83
CA VAL D 31 15.08 1.97 17.59
C VAL D 31 14.69 1.24 18.88
N GLU D 32 15.24 1.66 20.06
CA GLU D 32 14.84 1.02 21.35
C GLU D 32 13.35 1.19 21.57
N GLU D 33 12.83 2.41 21.33
CA GLU D 33 11.41 2.71 21.52
C GLU D 33 10.53 1.85 20.60
N GLU D 34 10.94 1.66 19.33
CA GLU D 34 10.20 0.82 18.37
C GLU D 34 10.21 -0.63 18.85
N MET D 35 11.36 -1.09 19.33
CA MET D 35 11.53 -2.45 19.85
C MET D 35 10.56 -2.67 21.06
N GLN D 36 10.59 -1.76 22.05
CA GLN D 36 9.75 -1.87 23.25
C GLN D 36 8.26 -1.66 23.01
N SER D 37 7.90 -0.57 22.30
CA SER D 37 6.50 -0.18 22.11
C SER D 37 5.69 -1.10 21.21
N THR D 38 6.33 -1.95 20.41
CA THR D 38 5.62 -2.83 19.46
C THR D 38 5.40 -4.23 20.00
N VAL D 39 5.79 -4.50 21.24
CA VAL D 39 5.55 -5.81 21.88
C VAL D 39 4.04 -6.01 22.01
N ARG D 40 3.57 -7.21 21.70
CA ARG D 40 2.15 -7.56 21.83
C ARG D 40 2.01 -8.91 22.52
N GLU D 41 0.80 -9.20 23.02
CA GLU D 41 0.50 -10.50 23.61
C GLU D 41 0.23 -11.44 22.45
N HIS D 42 0.91 -12.58 22.40
CA HIS D 42 0.74 -13.50 21.29
C HIS D 42 -0.29 -14.58 21.52
N ARG D 43 -1.00 -14.97 20.45
CA ARG D 43 -2.03 -16.01 20.43
C ARG D 43 -1.55 -17.37 20.98
N ASP D 44 -0.28 -17.70 20.76
CA ASP D 44 0.32 -18.96 21.21
C ASP D 44 0.69 -18.98 22.71
N GLY D 45 0.31 -17.92 23.45
CA GLY D 45 0.59 -17.77 24.87
C GLY D 45 2.06 -17.75 25.26
N GLY D 46 2.92 -17.38 24.28
CA GLY D 46 4.36 -17.29 24.46
C GLY D 46 5.12 -18.56 24.10
N HIS D 47 4.43 -19.54 23.49
CA HIS D 47 5.06 -20.81 23.10
C HIS D 47 6.32 -20.65 22.24
N ALA D 48 6.23 -19.89 21.15
CA ALA D 48 7.34 -19.70 20.22
C ALA D 48 8.44 -18.76 20.75
N GLY D 49 8.05 -17.58 21.26
CA GLY D 49 8.99 -16.54 21.66
C GLY D 49 9.26 -16.34 23.13
N GLY D 50 8.48 -16.98 24.00
CA GLY D 50 8.63 -16.82 25.43
C GLY D 50 7.61 -15.89 26.03
N ILE D 51 7.59 -15.83 27.37
CA ILE D 51 6.64 -14.98 28.11
C ILE D 51 7.37 -13.76 28.62
N PHE D 52 6.90 -12.57 28.18
CA PHE D 52 7.50 -11.27 28.53
C PHE D 52 6.58 -10.13 28.08
N ASN D 53 6.76 -8.95 28.69
CA ASN D 53 6.05 -7.75 28.31
C ASN D 53 7.04 -6.72 27.78
N ARG D 54 8.33 -6.88 28.13
CA ARG D 54 9.39 -5.96 27.72
C ARG D 54 10.72 -6.69 27.56
N TYR D 55 11.70 -5.99 27.02
CA TYR D 55 13.05 -6.53 26.86
C TYR D 55 14.04 -5.79 27.71
N ASN D 56 15.21 -6.40 27.88
CA ASN D 56 16.39 -5.75 28.43
C ASN D 56 17.27 -5.53 27.18
N ILE D 57 17.30 -4.29 26.64
CA ILE D 57 18.07 -3.97 25.42
C ILE D 57 19.54 -3.79 25.82
N LEU D 58 20.41 -4.65 25.30
CA LEU D 58 21.84 -4.63 25.67
C LEU D 58 22.69 -3.77 24.75
N LYS D 59 22.44 -3.83 23.46
CA LYS D 59 23.23 -3.10 22.48
C LYS D 59 22.39 -2.89 21.22
N ILE D 60 22.61 -1.75 20.53
CA ILE D 60 22.03 -1.48 19.22
C ILE D 60 23.19 -1.03 18.35
N GLN D 61 23.43 -1.74 17.22
CA GLN D 61 24.53 -1.41 16.33
C GLN D 61 23.99 -1.13 14.94
N LYS D 62 24.52 -0.09 14.30
CA LYS D 62 24.11 0.21 12.92
C LYS D 62 25.01 -0.61 11.98
N VAL D 63 24.39 -1.26 10.99
CA VAL D 63 25.08 -2.06 9.98
C VAL D 63 25.36 -1.15 8.77
N CYS D 64 26.63 -1.05 8.40
CA CYS D 64 27.07 -0.23 7.27
C CYS D 64 27.77 -1.16 6.31
N ASN D 65 26.99 -1.73 5.39
CA ASN D 65 27.50 -2.64 4.39
C ASN D 65 27.16 -2.00 3.04
N LYS D 66 28.11 -1.25 2.49
CA LYS D 66 27.99 -0.52 1.24
C LYS D 66 27.50 -1.34 0.05
N LYS D 67 28.05 -2.55 -0.13
CA LYS D 67 27.66 -3.47 -1.21
C LYS D 67 26.17 -3.88 -1.08
N LEU D 68 25.71 -4.19 0.16
CA LEU D 68 24.31 -4.56 0.36
C LEU D 68 23.40 -3.37 0.18
N TRP D 69 23.85 -2.18 0.63
CA TRP D 69 23.07 -0.95 0.49
C TRP D 69 22.83 -0.64 -0.99
N GLU D 70 23.89 -0.78 -1.80
CA GLU D 70 23.78 -0.52 -3.25
C GLU D 70 22.82 -1.50 -3.93
N ARG D 71 22.88 -2.77 -3.55
CA ARG D 71 21.97 -3.81 -4.10
C ARG D 71 20.50 -3.46 -3.75
N TYR D 72 20.32 -3.01 -2.50
CA TYR D 72 19.01 -2.61 -2.00
C TYR D 72 18.46 -1.37 -2.74
N THR D 73 19.26 -0.29 -2.84
CA THR D 73 18.78 0.94 -3.50
C THR D 73 18.54 0.76 -4.97
N HIS D 74 19.31 -0.13 -5.63
CA HIS D 74 19.11 -0.39 -7.05
C HIS D 74 17.72 -1.03 -7.26
N ARG D 75 17.39 -2.02 -6.42
CA ARG D 75 16.10 -2.70 -6.51
C ARG D 75 14.97 -1.73 -6.10
N ARG D 76 15.21 -0.92 -5.06
CA ARG D 76 14.20 0.04 -4.57
C ARG D 76 13.76 1.01 -5.69
N LYS D 77 14.74 1.50 -6.48
CA LYS D 77 14.48 2.40 -7.59
C LYS D 77 13.61 1.72 -8.64
N GLU D 78 13.91 0.46 -8.95
CA GLU D 78 13.20 -0.38 -9.94
C GLU D 78 11.72 -0.59 -9.48
N VAL D 79 11.53 -0.93 -8.20
CA VAL D 79 10.18 -1.13 -7.64
C VAL D 79 9.40 0.20 -7.70
N SER D 80 10.04 1.29 -7.23
CA SER D 80 9.45 2.62 -7.24
C SER D 80 8.94 2.97 -8.66
N GLU D 81 9.76 2.74 -9.69
CA GLU D 81 9.39 3.00 -11.09
C GLU D 81 8.21 2.18 -11.56
N GLU D 82 8.05 0.96 -11.04
CA GLU D 82 6.94 0.06 -11.35
C GLU D 82 5.73 0.34 -10.48
N ASN D 83 5.88 1.19 -9.46
CA ASN D 83 4.80 1.47 -8.56
C ASN D 83 4.51 2.95 -8.42
N HIS D 84 4.28 3.64 -9.57
CA HIS D 84 3.99 5.08 -9.61
C HIS D 84 4.93 5.96 -8.76
N ASN D 85 6.22 5.62 -8.78
CA ASN D 85 7.26 6.33 -8.03
C ASN D 85 7.13 6.24 -6.52
N HIS D 86 6.48 5.14 -6.03
CA HIS D 86 6.34 4.85 -4.59
C HIS D 86 7.01 3.50 -4.23
N ALA D 87 8.14 3.56 -3.53
CA ALA D 87 8.84 2.33 -3.15
C ALA D 87 8.05 1.59 -2.04
N ASN D 88 7.23 2.32 -1.23
CA ASN D 88 6.48 1.75 -0.09
C ASN D 88 7.49 1.07 0.86
N GLU D 89 8.50 1.84 1.24
CA GLU D 89 9.54 1.38 2.15
C GLU D 89 9.09 1.45 3.62
N ARG D 90 9.39 0.41 4.39
CA ARG D 90 9.04 0.38 5.81
C ARG D 90 10.21 -0.15 6.62
N MET D 91 10.30 0.25 7.90
CA MET D 91 11.30 -0.27 8.83
C MET D 91 10.60 -1.42 9.53
N LEU D 92 11.12 -2.62 9.38
CA LEU D 92 10.50 -3.82 9.95
C LEU D 92 11.49 -4.73 10.62
N PHE D 93 11.01 -5.53 11.61
CA PHE D 93 11.86 -6.46 12.31
C PHE D 93 12.03 -7.78 11.58
N HIS D 94 13.18 -8.44 11.77
CA HIS D 94 13.45 -9.77 11.23
C HIS D 94 14.13 -10.60 12.27
N GLY D 95 13.57 -11.77 12.52
CA GLY D 95 14.16 -12.70 13.47
C GLY D 95 14.70 -13.89 12.73
N SER D 96 15.94 -14.30 13.05
CA SER D 96 16.58 -15.43 12.40
C SER D 96 17.76 -15.95 13.15
N PRO D 97 17.99 -17.30 13.09
CA PRO D 97 19.23 -17.82 13.68
C PRO D 97 20.48 -17.45 12.84
N PHE D 98 20.29 -16.91 11.64
CA PHE D 98 21.37 -16.60 10.71
C PHE D 98 21.68 -15.12 10.51
N VAL D 99 21.43 -14.30 11.54
CA VAL D 99 21.64 -12.84 11.48
C VAL D 99 23.04 -12.43 11.04
N ASN D 100 24.10 -13.18 11.48
CA ASN D 100 25.47 -12.83 11.11
C ASN D 100 25.74 -13.04 9.63
N ALA D 101 25.18 -14.11 9.04
CA ALA D 101 25.28 -14.36 7.60
C ALA D 101 24.50 -13.28 6.81
N ILE D 102 23.34 -12.85 7.34
CA ILE D 102 22.51 -11.78 6.71
C ILE D 102 23.25 -10.44 6.64
N ILE D 103 23.88 -10.04 7.76
CA ILE D 103 24.61 -8.78 7.82
C ILE D 103 25.78 -8.74 6.83
N HIS D 104 26.42 -9.90 6.61
CA HIS D 104 27.56 -9.98 5.71
C HIS D 104 27.16 -10.21 4.25
N LYS D 105 26.23 -11.14 4.01
CA LYS D 105 25.85 -11.53 2.65
C LYS D 105 24.51 -10.98 2.16
N GLY D 106 23.67 -10.51 3.07
CA GLY D 106 22.35 -10.02 2.71
C GLY D 106 21.29 -11.11 2.77
N PHE D 107 20.05 -10.72 2.59
CA PHE D 107 18.92 -11.64 2.55
C PHE D 107 19.01 -12.41 1.21
N ASP D 108 18.62 -13.67 1.22
CA ASP D 108 18.73 -14.50 0.02
C ASP D 108 17.47 -15.36 -0.09
N GLU D 109 16.63 -15.10 -1.07
CA GLU D 109 15.40 -15.87 -1.28
C GLU D 109 15.71 -17.35 -1.62
N ARG D 110 16.94 -17.67 -2.09
CA ARG D 110 17.30 -19.08 -2.38
C ARG D 110 17.30 -19.94 -1.09
N HIS D 111 17.32 -19.30 0.08
CA HIS D 111 17.27 -19.98 1.39
C HIS D 111 15.84 -20.08 1.95
N ALA D 112 14.86 -19.55 1.20
CA ALA D 112 13.43 -19.61 1.53
C ALA D 112 12.78 -20.78 0.76
N TYR D 113 11.92 -21.55 1.44
CA TYR D 113 11.20 -22.67 0.82
C TYR D 113 9.69 -22.55 0.99
N ILE D 114 8.96 -23.16 0.05
CA ILE D 114 7.50 -23.13 -0.08
C ILE D 114 6.64 -23.39 1.18
N GLY D 115 7.21 -24.03 2.20
CA GLY D 115 6.56 -24.39 3.45
C GLY D 115 5.91 -23.31 4.31
N GLY D 116 6.44 -22.08 4.29
CA GLY D 116 5.92 -20.95 5.07
C GLY D 116 4.47 -20.62 4.79
N MET D 117 3.77 -19.89 5.70
CA MET D 117 2.35 -19.54 5.53
C MET D 117 2.05 -18.86 4.20
N PHE D 118 2.98 -17.99 3.75
CA PHE D 118 2.88 -17.29 2.45
C PHE D 118 3.93 -17.75 1.44
N GLY D 119 4.36 -19.00 1.61
CA GLY D 119 5.31 -19.63 0.71
C GLY D 119 6.76 -19.21 0.88
N ALA D 120 7.50 -19.34 -0.22
CA ALA D 120 8.95 -19.17 -0.29
C ALA D 120 9.43 -17.72 -0.24
N GLY D 121 9.12 -17.06 0.87
CA GLY D 121 9.49 -15.67 1.06
C GLY D 121 10.42 -15.43 2.22
N ILE D 122 10.76 -14.17 2.43
CA ILE D 122 11.57 -13.69 3.55
C ILE D 122 10.56 -12.86 4.36
N TYR D 123 10.39 -13.23 5.64
CA TYR D 123 9.35 -12.71 6.52
C TYR D 123 9.79 -11.63 7.45
N PHE D 124 8.99 -10.56 7.57
CA PHE D 124 9.26 -9.42 8.44
C PHE D 124 8.03 -9.05 9.26
N ALA D 125 8.22 -8.26 10.32
CA ALA D 125 7.09 -7.86 11.14
C ALA D 125 7.19 -6.46 11.64
N GLU D 126 6.02 -5.82 11.90
CA GLU D 126 6.03 -4.47 12.46
C GLU D 126 6.04 -4.55 14.01
N ASN D 127 5.84 -5.75 14.57
CA ASN D 127 5.86 -5.96 16.03
C ASN D 127 7.11 -6.76 16.35
N SER D 128 8.02 -6.19 17.17
CA SER D 128 9.28 -6.85 17.54
C SER D 128 9.06 -8.24 18.15
N SER D 129 7.99 -8.39 18.96
CA SER D 129 7.67 -9.68 19.60
C SER D 129 7.27 -10.76 18.58
N LYS D 130 6.74 -10.36 17.41
CA LYS D 130 6.44 -11.34 16.36
C LYS D 130 7.78 -11.85 15.80
N SER D 131 8.74 -10.96 15.48
CA SER D 131 10.06 -11.38 14.94
C SER D 131 10.88 -12.15 15.97
N ASN D 132 10.64 -11.84 17.27
CA ASN D 132 11.28 -12.56 18.38
C ASN D 132 10.94 -14.07 18.34
N GLN D 133 9.74 -14.43 17.81
CA GLN D 133 9.30 -15.81 17.68
C GLN D 133 10.14 -16.61 16.65
N TYR D 134 10.93 -15.91 15.79
CA TYR D 134 11.73 -16.48 14.70
C TYR D 134 13.25 -16.59 15.01
N VAL D 135 13.74 -15.92 16.08
CA VAL D 135 15.16 -15.84 16.48
C VAL D 135 15.83 -17.21 16.62
N TYR D 136 15.15 -18.17 17.24
CA TYR D 136 15.72 -19.49 17.43
C TYR D 136 15.22 -20.53 16.40
N GLY D 137 14.52 -20.07 15.37
CA GLY D 137 13.99 -20.93 14.30
C GLY D 137 12.50 -20.76 14.12
N ILE D 138 11.90 -21.53 13.18
CA ILE D 138 10.46 -21.50 12.91
C ILE D 138 9.73 -21.97 14.17
N GLY D 139 8.80 -21.15 14.65
CA GLY D 139 8.05 -21.40 15.88
C GLY D 139 8.93 -21.43 17.12
N GLY D 140 10.09 -20.78 17.02
CA GLY D 140 11.09 -20.70 18.07
C GLY D 140 12.06 -21.86 18.14
N GLY D 141 11.92 -22.81 17.20
CA GLY D 141 12.73 -24.02 17.14
C GLY D 141 12.76 -24.75 18.47
N THR D 142 13.96 -25.11 18.96
CA THR D 142 14.14 -25.73 20.27
C THR D 142 14.60 -24.69 21.31
N GLY D 143 14.52 -23.42 20.96
CA GLY D 143 14.93 -22.35 21.86
C GLY D 143 16.42 -22.12 21.86
N CYS D 144 16.94 -21.48 22.92
CA CYS D 144 18.36 -21.15 23.05
C CYS D 144 19.28 -22.38 22.92
N PRO D 145 20.48 -22.25 22.31
CA PRO D 145 21.39 -23.40 22.22
C PRO D 145 21.87 -23.97 23.56
N VAL D 146 22.02 -23.12 24.60
CA VAL D 146 22.51 -23.55 25.91
C VAL D 146 21.48 -24.31 26.76
N HIS D 147 20.26 -23.76 26.90
CA HIS D 147 19.24 -24.36 27.76
C HIS D 147 18.06 -25.03 27.05
N LYS D 148 18.00 -24.95 25.70
CA LYS D 148 16.90 -25.47 24.89
C LYS D 148 15.53 -24.94 25.42
N ASP D 149 15.51 -23.63 25.72
CA ASP D 149 14.38 -22.94 26.29
C ASP D 149 13.97 -21.79 25.38
N ARG D 150 12.75 -21.88 24.82
CA ARG D 150 12.21 -20.82 23.95
C ARG D 150 11.90 -19.56 24.76
N SER D 151 11.71 -19.71 26.09
CA SER D 151 11.45 -18.59 26.99
C SER D 151 12.69 -18.24 27.84
N CYS D 152 13.91 -18.55 27.36
CA CYS D 152 15.12 -18.28 28.12
C CYS D 152 15.26 -16.80 28.45
N TYR D 153 15.51 -16.47 29.72
CA TYR D 153 15.70 -15.09 30.17
C TYR D 153 17.17 -14.76 30.35
N ILE D 154 18.02 -15.78 30.19
CA ILE D 154 19.45 -15.70 30.44
C ILE D 154 20.20 -15.36 29.17
N CYS D 155 20.03 -16.20 28.13
CA CYS D 155 20.70 -16.07 26.84
C CYS D 155 20.34 -14.79 26.10
N HIS D 156 21.36 -14.20 25.52
CA HIS D 156 21.24 -12.96 24.76
C HIS D 156 20.79 -13.29 23.35
N ARG D 157 19.73 -12.60 22.91
CA ARG D 157 19.11 -12.77 21.59
C ARG D 157 19.51 -11.64 20.69
N GLN D 158 19.35 -11.83 19.37
CA GLN D 158 19.61 -10.76 18.43
C GLN D 158 18.50 -10.70 17.41
N LEU D 159 18.01 -9.48 17.09
CA LEU D 159 16.98 -9.21 16.07
C LEU D 159 17.60 -8.22 15.10
N LEU D 160 17.07 -8.16 13.86
CA LEU D 160 17.47 -7.13 12.92
C LEU D 160 16.30 -6.17 12.76
N PHE D 161 16.58 -4.88 12.61
CA PHE D 161 15.56 -3.87 12.30
C PHE D 161 15.95 -3.40 10.91
N CYS D 162 15.11 -3.75 9.90
CA CYS D 162 15.44 -3.62 8.50
C CYS D 162 14.69 -2.60 7.68
N ARG D 163 15.34 -2.08 6.66
CA ARG D 163 14.69 -1.22 5.65
C ARG D 163 14.11 -2.21 4.61
N VAL D 164 12.80 -2.21 4.40
CA VAL D 164 12.17 -3.17 3.48
C VAL D 164 11.35 -2.44 2.40
N THR D 165 11.59 -2.77 1.12
CA THR D 165 10.80 -2.24 0.01
C THR D 165 9.60 -3.17 -0.22
N LEU D 166 8.39 -2.67 0.02
CA LEU D 166 7.18 -3.46 -0.19
C LEU D 166 6.54 -3.25 -1.56
N GLY D 167 6.80 -2.10 -2.18
CA GLY D 167 6.15 -1.76 -3.45
C GLY D 167 4.64 -1.90 -3.38
N LYS D 168 4.03 -2.51 -4.41
CA LYS D 168 2.58 -2.80 -4.37
C LYS D 168 2.41 -4.10 -3.60
N SER D 169 1.86 -4.00 -2.40
CA SER D 169 1.76 -5.14 -1.49
C SER D 169 0.43 -5.87 -1.59
N PHE D 170 0.48 -7.16 -1.88
CA PHE D 170 -0.73 -7.99 -2.01
C PHE D 170 -1.25 -8.34 -0.61
N LEU D 171 -2.51 -8.02 -0.35
CA LEU D 171 -3.14 -8.32 0.93
C LEU D 171 -3.63 -9.76 0.95
N GLN D 172 -3.30 -10.47 2.01
CA GLN D 172 -3.69 -11.87 2.15
C GLN D 172 -4.05 -12.20 3.58
N PHE D 173 -5.14 -12.92 3.79
CA PHE D 173 -5.56 -13.28 5.16
C PHE D 173 -5.27 -14.75 5.48
N SER D 174 -5.62 -15.65 4.55
CA SER D 174 -5.42 -17.09 4.69
C SER D 174 -4.09 -17.53 4.08
N ALA D 175 -3.61 -18.75 4.41
CA ALA D 175 -2.37 -19.32 3.87
C ALA D 175 -2.43 -19.33 2.35
N MET D 176 -1.37 -18.82 1.70
CA MET D 176 -1.29 -18.71 0.25
C MET D 176 0.17 -18.98 -0.08
N LYS D 177 0.50 -20.25 -0.38
CA LYS D 177 1.86 -20.67 -0.67
C LYS D 177 2.36 -20.18 -2.04
N MET D 178 2.98 -18.99 -2.04
CA MET D 178 3.52 -18.32 -3.23
C MET D 178 4.98 -18.74 -3.43
N ALA D 179 5.44 -18.78 -4.69
CA ALA D 179 6.85 -18.94 -4.99
C ALA D 179 7.42 -17.53 -5.13
N HIS D 180 6.62 -16.61 -5.70
CA HIS D 180 7.01 -15.24 -6.02
C HIS D 180 5.89 -14.33 -5.63
N SER D 181 6.11 -13.01 -5.72
CA SER D 181 5.01 -12.07 -5.45
C SER D 181 3.88 -12.31 -6.49
N PRO D 182 2.62 -12.09 -6.13
CA PRO D 182 1.55 -12.20 -7.15
C PRO D 182 1.80 -11.26 -8.34
N PRO D 183 1.29 -11.57 -9.55
CA PRO D 183 1.49 -10.65 -10.70
C PRO D 183 1.14 -9.19 -10.37
N GLY D 184 2.00 -8.27 -10.81
CA GLY D 184 1.82 -6.83 -10.60
C GLY D 184 2.12 -6.34 -9.19
N HIS D 185 2.55 -7.26 -8.29
CA HIS D 185 2.86 -6.92 -6.90
C HIS D 185 4.35 -7.13 -6.58
N HIS D 186 4.84 -6.55 -5.46
CA HIS D 186 6.28 -6.65 -5.08
C HIS D 186 6.48 -7.28 -3.71
N SER D 187 5.40 -7.60 -3.01
CA SER D 187 5.43 -8.19 -1.67
C SER D 187 4.06 -8.67 -1.28
N VAL D 188 3.98 -9.28 -0.09
CA VAL D 188 2.71 -9.75 0.45
C VAL D 188 2.53 -9.20 1.86
N THR D 189 1.34 -8.61 2.15
CA THR D 189 0.99 -8.20 3.52
C THR D 189 0.03 -9.27 4.02
N GLY D 190 0.44 -9.97 5.06
CA GLY D 190 -0.38 -11.01 5.65
C GLY D 190 -0.97 -10.55 6.97
N ARG D 191 -2.29 -10.74 7.15
CA ARG D 191 -3.01 -10.36 8.38
C ARG D 191 -3.93 -11.46 8.90
N LEU D 199 -1.83 -10.04 13.82
CA LEU D 199 -0.76 -9.07 13.59
C LEU D 199 -0.23 -9.19 12.17
N ALA D 200 0.21 -8.04 11.60
CA ALA D 200 0.72 -7.92 10.23
C ALA D 200 2.13 -8.43 10.03
N GLU D 201 2.30 -9.35 9.05
CA GLU D 201 3.57 -9.93 8.60
C GLU D 201 3.75 -9.45 7.17
N TYR D 202 4.97 -9.21 6.76
CA TYR D 202 5.29 -8.69 5.42
C TYR D 202 6.25 -9.68 4.81
N VAL D 203 5.98 -10.09 3.59
CA VAL D 203 6.80 -11.11 2.91
C VAL D 203 7.32 -10.57 1.60
N ILE D 204 8.63 -10.70 1.39
CA ILE D 204 9.28 -10.38 0.11
C ILE D 204 9.78 -11.70 -0.50
N TYR D 205 9.95 -11.73 -1.82
CA TYR D 205 10.35 -12.91 -2.55
C TYR D 205 11.65 -12.71 -3.31
N ARG D 206 12.31 -11.57 -3.07
CA ARG D 206 13.61 -11.16 -3.63
C ARG D 206 14.44 -10.61 -2.46
N GLY D 207 15.58 -11.23 -2.20
CA GLY D 207 16.49 -10.84 -1.13
C GLY D 207 16.95 -9.40 -1.18
N GLU D 208 17.10 -8.84 -2.39
CA GLU D 208 17.57 -7.47 -2.57
C GLU D 208 16.54 -6.40 -2.14
N GLN D 209 15.29 -6.80 -1.84
CA GLN D 209 14.25 -5.88 -1.35
C GLN D 209 14.33 -5.54 0.13
N ALA D 210 15.40 -5.95 0.80
CA ALA D 210 15.59 -5.61 2.22
C ALA D 210 17.04 -5.32 2.54
N TYR D 211 17.25 -4.41 3.52
CA TYR D 211 18.58 -4.03 3.99
C TYR D 211 18.63 -4.18 5.52
N PRO D 212 19.56 -5.00 6.07
CA PRO D 212 19.61 -5.18 7.55
C PRO D 212 20.28 -3.98 8.23
N GLU D 213 19.53 -2.93 8.52
CA GLU D 213 20.08 -1.68 9.05
C GLU D 213 20.58 -1.67 10.51
N TYR D 214 19.86 -2.34 11.42
CA TYR D 214 20.26 -2.35 12.84
C TYR D 214 20.27 -3.72 13.41
N LEU D 215 21.31 -4.03 14.19
CA LEU D 215 21.40 -5.29 14.90
C LEU D 215 21.15 -4.97 16.41
N ILE D 216 20.11 -5.57 16.96
CA ILE D 216 19.71 -5.37 18.35
C ILE D 216 20.04 -6.62 19.17
N THR D 217 20.83 -6.44 20.23
CA THR D 217 21.15 -7.52 21.16
C THR D 217 20.32 -7.27 22.40
N TYR D 218 19.58 -8.29 22.85
CA TYR D 218 18.65 -8.10 23.95
C TYR D 218 18.35 -9.41 24.69
N GLN D 219 17.59 -9.28 25.77
CA GLN D 219 17.03 -10.45 26.47
C GLN D 219 15.55 -10.15 26.61
N ILE D 220 14.71 -11.18 26.63
CA ILE D 220 13.31 -11.00 26.99
C ILE D 220 13.33 -10.96 28.51
N MET D 221 12.44 -10.17 29.14
CA MET D 221 12.45 -10.07 30.61
C MET D 221 11.28 -10.79 31.24
N ARG D 222 11.54 -11.49 32.35
CA ARG D 222 10.50 -12.18 33.11
C ARG D 222 9.47 -11.14 33.60
N PRO D 223 8.15 -11.33 33.31
CA PRO D 223 7.15 -10.33 33.76
C PRO D 223 7.13 -10.07 35.26
ZN ZN E . -5.03 8.70 43.34
C10 32X F . -13.40 14.67 26.26
C11 32X F . -14.75 14.70 26.03
C12 32X F . -15.53 15.92 26.29
N01 32X F . -17.67 14.82 25.61
C02 32X F . -16.96 15.98 26.02
C03 32X F . -17.64 17.23 26.17
C04 32X F . -16.88 18.44 26.56
C05 32X F . -15.51 18.35 26.90
C06 32X F . -14.84 17.10 26.72
C07 32X F . -13.39 17.02 27.04
O08 32X F . -12.69 17.93 27.48
N09 32X F . -12.75 15.80 26.77
C10 32X G . 7.13 -23.02 -22.13
C11 32X G . 7.47 -24.19 -21.48
C12 32X G . 8.71 -24.88 -21.82
N01 32X G . 8.37 -26.61 -20.07
C02 32X G . 9.15 -26.06 -21.11
C03 32X G . 10.41 -26.66 -21.44
C04 32X G . 11.24 -26.08 -22.44
C05 32X G . 10.81 -24.96 -23.18
C06 32X G . 9.54 -24.38 -22.88
C07 32X G . 9.12 -23.17 -23.61
O08 32X G . 9.70 -22.67 -24.57
N09 32X G . 7.91 -22.55 -23.22
ZN ZN H . -4.95 -22.43 -38.19
C10 32X I . -18.43 7.59 -6.52
C11 32X I . -18.32 6.43 -5.80
C12 32X I . -17.20 5.53 -6.01
N01 32X I . -17.97 3.90 -4.26
C02 32X I . -17.04 4.29 -5.24
C03 32X I . -15.90 3.46 -5.46
C04 32X I . -14.91 3.86 -6.43
C05 32X I . -15.12 5.00 -7.26
C06 32X I . -16.23 5.85 -7.00
C07 32X I . -16.40 7.07 -7.84
O08 32X I . -15.66 7.44 -8.74
N09 32X I . -17.49 7.90 -7.54
ZN ZN J . -28.88 9.71 -23.50
C1 IPA K . -17.87 -0.07 -4.37
C2 IPA K . -18.42 0.16 -2.95
C3 IPA K . -19.88 0.55 -3.20
O2 IPA K . -17.83 1.33 -2.34
ZN ZN L . 19.38 -19.97 27.40
#